data_6DKO
#
_entry.id   6DKO
#
_cell.length_a   79.016
_cell.length_b   79.016
_cell.length_c   225.961
_cell.angle_alpha   90.00
_cell.angle_beta   90.00
_cell.angle_gamma   90.00
#
_symmetry.space_group_name_H-M   'P 43 21 2'
#
loop_
_entity.id
_entity.type
_entity.pdbx_description
1 polymer 'Malate synthase G'
2 non-polymer 'MAGNESIUM ION'
3 non-polymer '4-(2,6-difluorophenyl)-2,4-dioxobutanoic acid'
4 water water
#
_entity_poly.entity_id   1
_entity_poly.type   'polypeptide(L)'
_entity_poly.pdbx_seq_one_letter_code
;MTDRVSVGNLRIARVLYDFVNNEALPGTDIDPDSFWAGVDKVVADLTPQNQALLNARDELQAQIDKWHRRRVIEPIDMDA
YRQFLTEIGYLLPEPDDFTITTSGVDAEITTTAGPQLVVPVLNARFALNAANARWGSLYDALYGTDVIPETDGAEKGPTY
NKVRGDKVIAYARKFLDDSVPLSSGSFGDATGFTVQDGQLVVALPDKSTGLANPGQFAGYTGAAESPTSVLLINHGLHIE
ILIDPESQVGTTDRAGVKDVILESAITTIMDFEDSVAAVDAADKVLGYRNWLGLNKGDLAAAVDKDGTAFLRVLNRDRNY
TAPGGGQFTLPGRSLMFVRNVGHLMTNDAIVDTDGSEVFEGIMDALFTGLIAIHGLKASDVNGPLINSRTGSIYIVKPKM
HGPAEVAFTCELFSRVEDVLGLPQNTMKIGIMDEERRTTVNLKACIKAAADRVVFINTGFLDRTGDEIHTSMEAGPMVRK
GTMKSQPWILAYEDHNVDAGLAAGFSGRAQVGKGMWTMTELMADMVETKIAQPRAGASTAWVPSPTAATLHALHYHQVDV
AAVQQGLAGKRRATIEQLLTIPLAKELAWAPDEIREEVDNNCQSILGYVVRWVDQGVGASKVPDIHDVALMEDRATLRIS
SQLLANWLRHGVITSADVRASLERMAPLVDRQNAGDVAYRPMAPNFDDSIAFLAAQELILSGAQQPNGYTEPILHRRRRE
FKARAAEKPAPSDRAGDDAAR
;
_entity_poly.pdbx_strand_id   A
#
loop_
_chem_comp.id
_chem_comp.type
_chem_comp.name
_chem_comp.formula
GXG non-polymer '4-(2,6-difluorophenyl)-2,4-dioxobutanoic acid' 'C10 H6 F2 O4'
MG non-polymer 'MAGNESIUM ION' 'Mg 2'
#
# COMPACT_ATOMS: atom_id res chain seq x y z
N THR A 2 -0.54 30.56 -21.75
CA THR A 2 -1.65 30.83 -22.67
C THR A 2 -2.50 29.56 -22.80
N ASP A 3 -2.14 28.55 -22.01
CA ASP A 3 -2.79 27.25 -21.98
C ASP A 3 -3.58 27.03 -20.69
N ARG A 4 -3.97 28.10 -20.02
CA ARG A 4 -4.57 28.00 -18.70
C ARG A 4 -5.89 28.76 -18.66
N VAL A 5 -6.68 28.44 -17.63
CA VAL A 5 -8.00 29.02 -17.39
C VAL A 5 -7.95 29.83 -16.10
N SER A 6 -8.46 31.05 -16.14
CA SER A 6 -8.43 31.90 -14.95
C SER A 6 -9.70 31.70 -14.13
N VAL A 7 -9.53 31.32 -12.87
CA VAL A 7 -10.59 31.26 -11.88
C VAL A 7 -10.05 31.96 -10.64
N GLY A 8 -10.58 33.14 -10.34
CA GLY A 8 -10.07 33.89 -9.20
C GLY A 8 -8.57 34.13 -9.34
N ASN A 9 -7.83 33.73 -8.30
CA ASN A 9 -6.38 33.87 -8.28
C ASN A 9 -5.65 32.67 -8.88
N LEU A 10 -6.38 31.69 -9.41
CA LEU A 10 -5.76 30.50 -9.94
C LEU A 10 -5.72 30.50 -11.46
N ARG A 11 -4.73 29.79 -12.01
CA ARG A 11 -4.57 29.61 -13.45
C ARG A 11 -4.46 28.11 -13.71
N ILE A 12 -5.55 27.50 -14.15
CA ILE A 12 -5.68 26.04 -14.19
C ILE A 12 -5.27 25.52 -15.56
N ALA A 13 -4.44 24.47 -15.58
CA ALA A 13 -4.09 23.85 -16.86
C ALA A 13 -5.35 23.40 -17.60
N ARG A 14 -5.40 23.68 -18.91
CA ARG A 14 -6.65 23.48 -19.64
C ARG A 14 -7.07 22.01 -19.61
N VAL A 15 -6.11 21.08 -19.68
CA VAL A 15 -6.44 19.66 -19.69
C VAL A 15 -7.15 19.26 -18.41
N LEU A 16 -6.74 19.86 -17.28
CA LEU A 16 -7.41 19.58 -16.00
C LEU A 16 -8.77 20.26 -15.93
N TYR A 17 -8.87 21.53 -16.37
CA TYR A 17 -10.17 22.21 -16.40
C TYR A 17 -11.18 21.40 -17.21
N ASP A 18 -10.78 20.97 -18.42
CA ASP A 18 -11.69 20.26 -19.29
C ASP A 18 -12.07 18.90 -18.72
N PHE A 19 -11.10 18.20 -18.13
CA PHE A 19 -11.39 16.89 -17.55
C PHE A 19 -12.43 17.02 -16.45
N VAL A 20 -12.26 18.00 -15.57
CA VAL A 20 -13.20 18.15 -14.48
C VAL A 20 -14.59 18.52 -14.99
N ASN A 21 -14.67 19.45 -15.95
CA ASN A 21 -15.96 19.91 -16.41
C ASN A 21 -16.69 18.85 -17.23
N ASN A 22 -15.95 18.12 -18.07
CA ASN A 22 -16.58 17.22 -19.03
C ASN A 22 -16.76 15.82 -18.49
N GLU A 23 -15.92 15.40 -17.55
CA GLU A 23 -15.90 14.01 -17.12
C GLU A 23 -16.19 13.83 -15.64
N ALA A 24 -15.61 14.65 -14.77
CA ALA A 24 -15.74 14.41 -13.34
C ALA A 24 -17.02 15.01 -12.76
N LEU A 25 -17.39 16.22 -13.18
CA LEU A 25 -18.53 16.90 -12.59
C LEU A 25 -19.90 16.36 -13.02
N PRO A 26 -20.11 16.01 -14.29
CA PRO A 26 -21.47 15.58 -14.70
C PRO A 26 -21.92 14.33 -13.94
N GLY A 27 -23.12 14.42 -13.37
CA GLY A 27 -23.66 13.35 -12.56
C GLY A 27 -23.51 13.55 -11.07
N THR A 28 -22.79 14.57 -10.63
CA THR A 28 -22.64 14.84 -9.21
C THR A 28 -23.62 15.90 -8.69
N ASP A 29 -24.33 16.58 -9.59
CA ASP A 29 -25.24 17.68 -9.24
C ASP A 29 -24.51 18.84 -8.58
N ILE A 30 -23.19 18.92 -8.72
CA ILE A 30 -22.44 20.07 -8.26
C ILE A 30 -22.36 21.07 -9.39
N ASP A 31 -22.69 22.32 -9.08
CA ASP A 31 -22.59 23.40 -10.07
C ASP A 31 -21.14 23.66 -10.43
N PRO A 32 -20.76 23.62 -11.71
CA PRO A 32 -19.35 23.82 -12.06
C PRO A 32 -18.77 25.14 -11.58
N ASP A 33 -19.52 26.25 -11.70
CA ASP A 33 -18.98 27.52 -11.23
C ASP A 33 -18.74 27.51 -9.73
N SER A 34 -19.66 26.90 -8.97
CA SER A 34 -19.49 26.83 -7.52
C SER A 34 -18.30 25.97 -7.16
N PHE A 35 -18.08 24.88 -7.91
CA PHE A 35 -16.94 24.02 -7.63
C PHE A 35 -15.63 24.78 -7.78
N TRP A 36 -15.47 25.47 -8.92
CA TRP A 36 -14.21 26.15 -9.19
C TRP A 36 -14.01 27.33 -8.26
N ALA A 37 -15.09 28.00 -7.85
CA ALA A 37 -14.96 29.02 -6.80
C ALA A 37 -14.54 28.41 -5.48
N GLY A 38 -15.02 27.21 -5.18
CA GLY A 38 -14.58 26.53 -3.97
C GLY A 38 -13.11 26.14 -4.02
N VAL A 39 -12.64 25.69 -5.18
CA VAL A 39 -11.21 25.39 -5.34
C VAL A 39 -10.38 26.63 -5.04
N ASP A 40 -10.77 27.76 -5.62
CA ASP A 40 -10.06 29.02 -5.40
C ASP A 40 -10.04 29.38 -3.91
N LYS A 41 -11.19 29.25 -3.24
CA LYS A 41 -11.27 29.67 -1.84
C LYS A 41 -10.53 28.72 -0.92
N VAL A 42 -10.66 27.40 -1.14
CA VAL A 42 -9.95 26.44 -0.29
C VAL A 42 -8.44 26.60 -0.45
N VAL A 43 -7.96 26.74 -1.69
CA VAL A 43 -6.52 26.96 -1.89
C VAL A 43 -6.07 28.23 -1.17
N ALA A 44 -6.79 29.35 -1.38
CA ALA A 44 -6.40 30.59 -0.72
C ALA A 44 -6.41 30.45 0.80
N ASP A 45 -7.44 29.82 1.35
CA ASP A 45 -7.60 29.78 2.80
C ASP A 45 -6.59 28.86 3.48
N LEU A 46 -6.27 27.72 2.88
CA LEU A 46 -5.49 26.70 3.59
C LEU A 46 -4.01 26.67 3.23
N THR A 47 -3.62 27.30 2.13
CA THR A 47 -2.21 27.26 1.75
C THR A 47 -1.28 27.84 2.82
N PRO A 48 -1.62 28.93 3.52
CA PRO A 48 -0.70 29.41 4.57
C PRO A 48 -0.41 28.40 5.66
N GLN A 49 -1.42 27.68 6.16
CA GLN A 49 -1.16 26.68 7.20
CA GLN A 49 -1.16 26.68 7.20
C GLN A 49 -0.36 25.52 6.64
N ASN A 50 -0.63 25.12 5.39
CA ASN A 50 0.17 24.08 4.76
C ASN A 50 1.65 24.46 4.78
N GLN A 51 1.95 25.70 4.38
CA GLN A 51 3.33 26.17 4.37
C GLN A 51 3.90 26.26 5.78
N ALA A 52 3.09 26.74 6.74
CA ALA A 52 3.54 26.82 8.12
C ALA A 52 3.98 25.45 8.63
N LEU A 53 3.20 24.41 8.31
CA LEU A 53 3.53 23.07 8.80
C LEU A 53 4.85 22.58 8.20
N LEU A 54 5.06 22.84 6.91
CA LEU A 54 6.31 22.42 6.28
C LEU A 54 7.49 23.19 6.87
N ASN A 55 7.30 24.48 7.19
CA ASN A 55 8.37 25.23 7.85
C ASN A 55 8.66 24.66 9.23
N ALA A 56 7.62 24.19 9.95
CA ALA A 56 7.83 23.64 11.29
C ALA A 56 8.70 22.39 11.25
N ARG A 57 8.51 21.53 10.24
CA ARG A 57 9.40 20.38 10.06
C ARG A 57 10.85 20.83 9.97
N ASP A 58 11.11 21.84 9.14
CA ASP A 58 12.48 22.31 8.93
C ASP A 58 13.07 22.85 10.23
N GLU A 59 12.30 23.62 10.99
CA GLU A 59 12.82 24.18 12.23
C GLU A 59 13.14 23.10 13.26
N LEU A 60 12.32 22.05 13.31
CA LEU A 60 12.58 20.98 14.27
C LEU A 60 13.82 20.19 13.86
N GLN A 61 13.95 19.87 12.57
CA GLN A 61 15.10 19.10 12.11
C GLN A 61 16.39 19.88 12.29
N ALA A 62 16.34 21.20 12.08
CA ALA A 62 17.53 22.02 12.33
C ALA A 62 17.95 21.94 13.78
N GLN A 63 17.01 22.01 14.71
CA GLN A 63 17.34 21.90 16.13
C GLN A 63 17.94 20.53 16.44
N ILE A 64 17.40 19.46 15.84
CA ILE A 64 17.91 18.11 16.08
C ILE A 64 19.30 17.94 15.48
N ASP A 65 19.50 18.45 14.27
CA ASP A 65 20.83 18.50 13.67
C ASP A 65 21.84 19.16 14.61
N LYS A 66 21.53 20.37 15.11
CA LYS A 66 22.48 21.07 15.97
C LYS A 66 22.71 20.32 17.28
N TRP A 67 21.66 19.69 17.82
CA TRP A 67 21.82 18.94 19.07
C TRP A 67 22.87 17.86 18.94
N HIS A 68 22.83 17.09 17.84
CA HIS A 68 23.80 16.01 17.67
C HIS A 68 25.20 16.55 17.41
N ARG A 69 25.31 17.65 16.65
CA ARG A 69 26.64 18.19 16.35
C ARG A 69 27.30 18.81 17.57
N ARG A 70 26.51 19.29 18.52
CA ARG A 70 27.02 19.95 19.72
C ARG A 70 27.50 18.97 20.78
N ARG A 71 27.40 17.68 20.55
CA ARG A 71 27.87 16.76 21.55
C ARG A 71 28.88 15.76 21.13
N VAL A 72 29.56 15.25 22.12
CA VAL A 72 30.66 14.31 21.90
C VAL A 72 30.51 13.02 22.69
N ILE A 73 29.60 12.97 23.68
CA ILE A 73 29.51 11.82 24.57
C ILE A 73 29.15 10.54 23.78
N GLU A 74 29.67 9.40 24.26
CA GLU A 74 29.62 8.10 23.58
C GLU A 74 28.19 7.66 23.26
N PRO A 75 27.33 7.30 24.23
CA PRO A 75 25.99 6.88 23.83
C PRO A 75 24.98 7.97 24.05
N ILE A 76 23.87 7.94 23.29
CA ILE A 76 22.81 8.90 23.55
C ILE A 76 22.41 8.83 25.01
N ASP A 77 22.47 9.96 25.70
CA ASP A 77 21.85 10.07 27.03
C ASP A 77 20.35 10.23 26.79
N MET A 78 19.62 9.13 26.93
CA MET A 78 18.21 9.10 26.58
C MET A 78 17.41 10.12 27.38
N ASP A 79 17.75 10.30 28.66
CA ASP A 79 17.00 11.23 29.48
C ASP A 79 17.17 12.67 28.98
N ALA A 80 18.39 13.04 28.61
CA ALA A 80 18.62 14.37 28.05
C ALA A 80 17.96 14.50 26.68
N TYR A 81 18.09 13.46 25.86
CA TYR A 81 17.55 13.49 24.50
C TYR A 81 16.04 13.67 24.53
N ARG A 82 15.35 12.89 25.35
CA ARG A 82 13.89 12.96 25.36
C ARG A 82 13.42 14.29 25.95
N GLN A 83 14.13 14.80 26.96
CA GLN A 83 13.77 16.10 27.52
C GLN A 83 13.95 17.21 26.49
N PHE A 84 14.98 17.10 25.65
CA PHE A 84 15.18 18.05 24.57
C PHE A 84 14.04 17.98 23.55
N LEU A 85 13.65 16.77 23.14
CA LEU A 85 12.55 16.65 22.19
C LEU A 85 11.25 17.21 22.75
N THR A 86 11.07 17.14 24.06
CA THR A 86 9.89 17.72 24.69
C THR A 86 9.94 19.23 24.68
N GLU A 87 11.12 19.81 24.96
CA GLU A 87 11.25 21.26 25.01
C GLU A 87 10.94 21.90 23.67
N ILE A 88 11.44 21.32 22.58
CA ILE A 88 11.24 21.90 21.25
C ILE A 88 9.87 21.56 20.67
N GLY A 89 9.04 20.80 21.38
CA GLY A 89 7.72 20.49 20.87
C GLY A 89 7.66 19.34 19.88
N TYR A 90 8.72 18.53 19.80
CA TYR A 90 8.72 17.33 18.98
C TYR A 90 7.93 16.21 19.65
N LEU A 91 8.23 15.97 20.93
CA LEU A 91 7.48 15.05 21.77
C LEU A 91 6.37 15.85 22.47
N LEU A 92 5.11 15.56 22.12
CA LEU A 92 4.01 16.26 22.75
C LEU A 92 3.36 15.39 23.83
N PRO A 93 2.63 15.99 24.78
CA PRO A 93 1.95 15.20 25.81
C PRO A 93 0.96 14.20 25.21
N GLU A 94 0.82 13.08 25.89
CA GLU A 94 -0.16 12.07 25.46
C GLU A 94 -1.54 12.42 26.00
N PRO A 95 -2.57 12.44 25.16
CA PRO A 95 -3.92 12.71 25.66
C PRO A 95 -4.47 11.56 26.47
N ASP A 96 -5.54 11.84 27.21
CA ASP A 96 -6.24 10.81 27.95
C ASP A 96 -6.83 9.77 27.00
N ASP A 97 -7.07 8.58 27.55
CA ASP A 97 -7.70 7.51 26.79
C ASP A 97 -9.00 8.00 26.15
N PHE A 98 -9.32 7.44 24.98
CA PHE A 98 -10.51 7.81 24.24
C PHE A 98 -10.85 6.68 23.29
N THR A 99 -12.07 6.72 22.75
CA THR A 99 -12.52 5.74 21.76
C THR A 99 -12.92 6.50 20.50
N ILE A 100 -12.49 6.01 19.32
CA ILE A 100 -12.87 6.68 18.07
C ILE A 100 -14.38 6.60 17.88
N THR A 101 -14.90 7.54 17.08
CA THR A 101 -16.34 7.64 16.84
C THR A 101 -16.70 7.52 15.36
N THR A 102 -15.73 7.23 14.49
CA THR A 102 -15.97 7.10 13.06
C THR A 102 -17.15 6.18 12.75
N SER A 103 -18.10 6.68 11.95
CA SER A 103 -19.32 5.96 11.62
C SER A 103 -19.51 5.93 10.11
N GLY A 104 -20.44 5.08 9.67
CA GLY A 104 -20.72 4.95 8.25
C GLY A 104 -19.67 4.20 7.46
N VAL A 105 -18.90 3.34 8.11
CA VAL A 105 -17.80 2.61 7.47
C VAL A 105 -18.29 1.21 7.07
N ASP A 106 -17.80 0.73 5.93
CA ASP A 106 -18.17 -0.57 5.38
C ASP A 106 -17.56 -1.73 6.17
N ALA A 107 -18.20 -2.90 6.07
CA ALA A 107 -17.81 -4.07 6.85
C ALA A 107 -16.38 -4.52 6.51
N GLU A 108 -15.97 -4.38 5.24
CA GLU A 108 -14.62 -4.73 4.82
C GLU A 108 -13.54 -4.04 5.65
N ILE A 109 -13.85 -2.89 6.24
CA ILE A 109 -12.89 -2.13 7.03
C ILE A 109 -13.11 -2.32 8.53
N THR A 110 -14.37 -2.27 8.99
CA THR A 110 -14.64 -2.34 10.42
C THR A 110 -14.43 -3.75 10.96
N THR A 111 -14.66 -4.77 10.14
CA THR A 111 -14.90 -6.09 10.68
C THR A 111 -14.04 -7.17 10.02
N THR A 112 -13.96 -7.17 8.69
CA THR A 112 -13.27 -8.24 7.98
C THR A 112 -11.76 -8.07 8.10
N ALA A 113 -11.08 -9.12 8.55
CA ALA A 113 -9.62 -9.14 8.56
C ALA A 113 -9.11 -9.84 7.30
N GLY A 114 -8.22 -9.19 6.56
CA GLY A 114 -7.71 -9.80 5.36
C GLY A 114 -6.75 -8.90 4.61
N PRO A 115 -6.19 -9.41 3.50
CA PRO A 115 -5.17 -8.67 2.75
C PRO A 115 -5.67 -7.35 2.17
N GLN A 116 -4.74 -6.41 1.99
CA GLN A 116 -4.98 -5.10 1.39
C GLN A 116 -3.96 -4.89 0.29
N LEU A 117 -4.44 -4.65 -0.93
CA LEU A 117 -3.58 -4.56 -2.10
C LEU A 117 -3.32 -3.09 -2.45
N VAL A 118 -2.09 -2.78 -2.87
CA VAL A 118 -1.73 -1.43 -3.30
C VAL A 118 -1.32 -1.48 -4.77
N VAL A 119 -1.88 -0.59 -5.59
CA VAL A 119 -1.62 -0.61 -7.03
C VAL A 119 -1.50 0.82 -7.58
N PRO A 120 -0.60 1.06 -8.54
CA PRO A 120 -0.52 2.39 -9.17
C PRO A 120 -1.75 2.71 -10.00
N VAL A 121 -2.40 3.84 -9.67
CA VAL A 121 -3.64 4.20 -10.32
C VAL A 121 -3.42 4.64 -11.77
N LEU A 122 -2.21 5.03 -12.15
CA LEU A 122 -1.97 5.42 -13.53
C LEU A 122 -1.91 4.24 -14.49
N ASN A 123 -1.87 3.00 -13.98
CA ASN A 123 -1.84 1.82 -14.84
C ASN A 123 -3.22 1.18 -14.82
N ALA A 124 -4.00 1.43 -15.87
CA ALA A 124 -5.40 1.03 -15.84
C ALA A 124 -5.56 -0.47 -15.77
N ARG A 125 -4.75 -1.24 -16.50
CA ARG A 125 -4.93 -2.68 -16.49
CA ARG A 125 -4.94 -2.68 -16.49
C ARG A 125 -4.53 -3.28 -15.14
N PHE A 126 -3.46 -2.74 -14.51
CA PHE A 126 -3.12 -3.20 -13.16
C PHE A 126 -4.24 -2.84 -12.18
N ALA A 127 -4.78 -1.62 -12.30
CA ALA A 127 -5.81 -1.20 -11.35
C ALA A 127 -7.06 -2.03 -11.50
N LEU A 128 -7.42 -2.39 -12.73
CA LEU A 128 -8.54 -3.28 -12.98
C LEU A 128 -8.31 -4.65 -12.34
N ASN A 129 -7.14 -5.24 -12.59
CA ASN A 129 -6.82 -6.54 -11.99
C ASN A 129 -6.87 -6.47 -10.48
N ALA A 130 -6.49 -5.34 -9.89
CA ALA A 130 -6.50 -5.20 -8.45
C ALA A 130 -7.91 -5.13 -7.90
N ALA A 131 -8.76 -4.30 -8.51
CA ALA A 131 -10.16 -4.26 -8.10
C ALA A 131 -10.81 -5.64 -8.22
N ASN A 132 -10.43 -6.40 -9.24
CA ASN A 132 -10.98 -7.73 -9.45
C ASN A 132 -10.35 -8.78 -8.54
N ALA A 133 -9.32 -8.42 -7.78
CA ALA A 133 -8.57 -9.35 -6.94
C ALA A 133 -9.32 -9.73 -5.67
N ARG A 134 -10.55 -9.23 -5.48
CA ARG A 134 -11.38 -9.65 -4.34
C ARG A 134 -11.55 -11.16 -4.31
N TRP A 135 -11.50 -11.80 -5.48
CA TRP A 135 -11.62 -13.24 -5.60
C TRP A 135 -10.47 -13.74 -6.45
N GLY A 136 -9.78 -14.78 -6.00
CA GLY A 136 -8.65 -15.30 -6.75
C GLY A 136 -8.54 -16.81 -6.63
N SER A 137 -7.99 -17.42 -7.68
CA SER A 137 -7.79 -18.87 -7.74
C SER A 137 -6.61 -19.29 -6.87
N LEU A 138 -6.86 -20.13 -5.86
CA LEU A 138 -5.77 -20.74 -5.08
C LEU A 138 -4.93 -21.68 -5.93
N TYR A 139 -5.55 -22.42 -6.85
CA TYR A 139 -4.76 -23.35 -7.66
C TYR A 139 -3.78 -22.59 -8.54
N ASP A 140 -4.23 -21.49 -9.15
CA ASP A 140 -3.31 -20.66 -9.94
C ASP A 140 -2.19 -20.10 -9.09
N ALA A 141 -2.52 -19.63 -7.87
CA ALA A 141 -1.51 -19.03 -7.01
C ALA A 141 -0.47 -20.06 -6.56
N LEU A 142 -0.91 -21.29 -6.33
CA LEU A 142 0.02 -22.34 -5.90
C LEU A 142 0.84 -22.90 -7.07
N TYR A 143 0.16 -23.25 -8.16
CA TYR A 143 0.85 -23.83 -9.31
C TYR A 143 1.86 -22.84 -9.90
N GLY A 144 1.50 -21.57 -10.01
CA GLY A 144 2.34 -20.64 -10.73
C GLY A 144 3.46 -20.00 -9.94
N THR A 145 3.56 -20.26 -8.64
CA THR A 145 4.60 -19.66 -7.80
C THR A 145 5.49 -20.75 -7.20
N ASP A 146 6.47 -20.33 -6.41
CA ASP A 146 7.33 -21.31 -5.75
C ASP A 146 6.77 -21.84 -4.43
N VAL A 147 5.49 -21.59 -4.12
CA VAL A 147 4.93 -22.19 -2.91
C VAL A 147 4.96 -23.70 -2.99
N ILE A 148 4.65 -24.26 -4.16
CA ILE A 148 4.89 -25.66 -4.46
C ILE A 148 6.29 -25.75 -5.06
N PRO A 149 7.26 -26.33 -4.38
CA PRO A 149 8.64 -26.34 -4.91
C PRO A 149 8.73 -27.06 -6.25
N GLU A 150 9.62 -26.58 -7.11
CA GLU A 150 9.86 -27.22 -8.41
C GLU A 150 10.94 -28.29 -8.26
N THR A 151 10.68 -29.23 -7.37
CA THR A 151 11.60 -30.35 -7.19
C THR A 151 11.56 -31.25 -8.43
N ASP A 152 12.46 -32.24 -8.43
CA ASP A 152 12.49 -33.25 -9.47
C ASP A 152 11.10 -33.85 -9.69
N GLY A 153 10.57 -33.70 -10.90
CA GLY A 153 9.26 -34.22 -11.24
C GLY A 153 8.11 -33.24 -11.11
N ALA A 154 8.26 -32.18 -10.30
CA ALA A 154 7.19 -31.21 -10.09
C ALA A 154 7.49 -29.87 -10.76
N GLU A 155 8.34 -29.87 -11.79
CA GLU A 155 8.74 -28.62 -12.43
C GLU A 155 7.62 -28.06 -13.29
N LYS A 156 7.58 -26.73 -13.36
CA LYS A 156 6.75 -26.07 -14.35
C LYS A 156 7.37 -26.23 -15.73
N GLY A 157 6.53 -26.49 -16.71
CA GLY A 157 6.95 -26.54 -18.09
C GLY A 157 5.99 -25.76 -18.95
N PRO A 158 6.10 -25.91 -20.28
CA PRO A 158 5.14 -25.23 -21.16
C PRO A 158 3.73 -25.79 -21.09
N THR A 159 3.57 -27.04 -20.66
CA THR A 159 2.25 -27.66 -20.49
C THR A 159 2.06 -28.12 -19.06
N TYR A 160 0.81 -28.47 -18.75
CA TYR A 160 0.43 -28.88 -17.40
C TYR A 160 1.23 -30.08 -16.94
N ASN A 161 1.80 -29.98 -15.73
CA ASN A 161 2.52 -31.07 -15.06
C ASN A 161 1.59 -31.63 -13.99
N LYS A 162 1.06 -32.84 -14.24
CA LYS A 162 0.06 -33.41 -13.33
C LYS A 162 0.66 -33.75 -11.96
N VAL A 163 1.96 -34.08 -11.91
CA VAL A 163 2.58 -34.31 -10.61
C VAL A 163 2.57 -33.02 -9.79
N ARG A 164 2.84 -31.89 -10.45
CA ARG A 164 2.74 -30.60 -9.78
C ARG A 164 1.29 -30.28 -9.45
N GLY A 165 0.39 -30.50 -10.42
CA GLY A 165 -1.03 -30.26 -10.17
C GLY A 165 -1.57 -31.04 -8.99
N ASP A 166 -1.11 -32.28 -8.81
CA ASP A 166 -1.59 -33.07 -7.68
C ASP A 166 -1.06 -32.53 -6.36
N LYS A 167 0.16 -32.00 -6.34
CA LYS A 167 0.64 -31.33 -5.13
C LYS A 167 -0.21 -30.11 -4.81
N VAL A 168 -0.62 -29.37 -5.85
CA VAL A 168 -1.51 -28.21 -5.65
C VAL A 168 -2.83 -28.66 -5.03
N ILE A 169 -3.45 -29.69 -5.60
CA ILE A 169 -4.69 -30.21 -5.06
C ILE A 169 -4.52 -30.62 -3.60
N ALA A 170 -3.43 -31.34 -3.30
CA ALA A 170 -3.22 -31.82 -1.93
C ALA A 170 -3.01 -30.67 -0.96
N TYR A 171 -2.27 -29.65 -1.37
CA TYR A 171 -2.09 -28.48 -0.52
C TYR A 171 -3.43 -27.82 -0.19
N ALA A 172 -4.30 -27.71 -1.20
CA ALA A 172 -5.60 -27.07 -0.99
C ALA A 172 -6.53 -27.95 -0.15
N ARG A 173 -6.47 -29.28 -0.31
CA ARG A 173 -7.27 -30.16 0.54
C ARG A 173 -6.88 -30.02 2.00
N LYS A 174 -5.57 -29.91 2.27
CA LYS A 174 -5.11 -29.69 3.64
C LYS A 174 -5.60 -28.34 4.17
N PHE A 175 -5.55 -27.31 3.33
CA PHE A 175 -6.11 -26.02 3.72
C PHE A 175 -7.57 -26.15 4.12
N LEU A 176 -8.35 -26.92 3.35
CA LEU A 176 -9.76 -27.10 3.66
C LEU A 176 -9.95 -27.83 5.00
N ASP A 177 -9.17 -28.88 5.21
CA ASP A 177 -9.22 -29.60 6.48
C ASP A 177 -8.88 -28.69 7.66
N ASP A 178 -7.92 -27.78 7.46
CA ASP A 178 -7.47 -26.90 8.54
C ASP A 178 -8.45 -25.76 8.79
N SER A 179 -9.20 -25.35 7.77
CA SER A 179 -10.02 -24.15 7.84
C SER A 179 -11.50 -24.43 8.10
N VAL A 180 -12.06 -25.45 7.44
CA VAL A 180 -13.47 -25.81 7.57
C VAL A 180 -13.56 -27.30 7.82
N PRO A 181 -13.12 -27.80 8.98
CA PRO A 181 -12.94 -29.24 9.14
C PRO A 181 -14.25 -30.03 9.09
N LEU A 182 -14.15 -31.24 8.57
CA LEU A 182 -15.29 -32.14 8.52
C LEU A 182 -15.55 -32.71 9.92
N SER A 183 -16.81 -33.10 10.16
CA SER A 183 -17.13 -33.81 11.40
C SER A 183 -16.30 -35.07 11.54
N SER A 184 -16.14 -35.81 10.45
CA SER A 184 -15.27 -36.97 10.41
C SER A 184 -14.58 -37.04 9.06
N GLY A 185 -13.32 -37.46 9.05
CA GLY A 185 -12.61 -37.67 7.81
C GLY A 185 -11.91 -36.42 7.31
N SER A 186 -11.41 -36.52 6.08
CA SER A 186 -10.63 -35.46 5.45
C SER A 186 -11.20 -35.14 4.08
N PHE A 187 -11.15 -33.84 3.72
CA PHE A 187 -11.49 -33.44 2.37
C PHE A 187 -10.66 -34.18 1.32
N GLY A 188 -9.45 -34.65 1.68
CA GLY A 188 -8.66 -35.39 0.73
C GLY A 188 -9.36 -36.63 0.20
N ASP A 189 -10.26 -37.19 0.99
CA ASP A 189 -10.96 -38.42 0.64
C ASP A 189 -12.36 -38.17 0.10
N ALA A 190 -12.77 -36.91 -0.06
CA ALA A 190 -14.11 -36.62 -0.53
C ALA A 190 -14.33 -37.13 -1.95
N THR A 191 -15.57 -37.55 -2.21
CA THR A 191 -15.98 -37.99 -3.54
C THR A 191 -17.15 -37.20 -4.10
N GLY A 192 -17.75 -36.30 -3.34
CA GLY A 192 -18.86 -35.51 -3.83
C GLY A 192 -19.43 -34.62 -2.76
N PHE A 193 -20.21 -33.64 -3.20
CA PHE A 193 -20.84 -32.65 -2.33
C PHE A 193 -22.31 -32.52 -2.66
N THR A 194 -23.15 -32.55 -1.64
CA THR A 194 -24.59 -32.35 -1.81
C THR A 194 -25.09 -31.38 -0.75
N VAL A 195 -26.25 -30.79 -1.03
CA VAL A 195 -26.96 -29.90 -0.11
C VAL A 195 -28.30 -30.55 0.19
N GLN A 196 -28.50 -30.97 1.43
CA GLN A 196 -29.73 -31.65 1.82
C GLN A 196 -30.29 -31.04 3.09
N ASP A 197 -31.54 -30.60 3.00
CA ASP A 197 -32.22 -29.83 4.06
C ASP A 197 -31.32 -28.73 4.60
N GLY A 198 -30.78 -27.93 3.67
CA GLY A 198 -29.98 -26.77 4.02
C GLY A 198 -28.66 -27.07 4.68
N GLN A 199 -28.15 -28.30 4.57
CA GLN A 199 -26.90 -28.68 5.20
C GLN A 199 -25.98 -29.31 4.16
N LEU A 200 -24.68 -29.03 4.27
CA LEU A 200 -23.71 -29.59 3.36
C LEU A 200 -23.38 -31.02 3.76
N VAL A 201 -23.41 -31.94 2.79
CA VAL A 201 -23.05 -33.33 3.01
C VAL A 201 -21.89 -33.68 2.08
N VAL A 202 -20.77 -34.08 2.67
CA VAL A 202 -19.58 -34.48 1.92
C VAL A 202 -19.53 -35.99 1.88
N ALA A 203 -19.54 -36.55 0.66
CA ALA A 203 -19.44 -37.99 0.49
C ALA A 203 -17.99 -38.44 0.69
N LEU A 204 -17.81 -39.45 1.50
CA LEU A 204 -16.54 -40.13 1.73
C LEU A 204 -16.60 -41.51 1.09
N PRO A 205 -15.48 -42.23 1.02
CA PRO A 205 -15.50 -43.53 0.32
C PRO A 205 -16.46 -44.55 0.95
N ASP A 206 -16.64 -44.52 2.28
CA ASP A 206 -17.46 -45.53 2.94
C ASP A 206 -18.52 -44.93 3.86
N LYS A 207 -18.76 -43.63 3.79
CA LYS A 207 -19.81 -42.98 4.57
C LYS A 207 -19.98 -41.56 4.05
N SER A 208 -20.86 -40.81 4.69
CA SER A 208 -21.03 -39.39 4.43
C SER A 208 -20.83 -38.63 5.74
N THR A 209 -20.60 -37.33 5.63
CA THR A 209 -20.33 -36.51 6.80
C THR A 209 -20.70 -35.07 6.51
N GLY A 210 -20.91 -34.30 7.59
CA GLY A 210 -21.09 -32.89 7.50
C GLY A 210 -19.89 -32.14 8.04
N LEU A 211 -20.05 -30.81 8.11
CA LEU A 211 -19.01 -29.97 8.71
C LEU A 211 -19.05 -30.06 10.22
N ALA A 212 -17.87 -29.98 10.84
CA ALA A 212 -17.81 -29.89 12.30
C ALA A 212 -18.57 -28.68 12.80
N ASN A 213 -18.57 -27.60 12.01
CA ASN A 213 -19.35 -26.39 12.30
CA ASN A 213 -19.34 -26.38 12.30
C ASN A 213 -20.22 -26.11 11.09
N PRO A 214 -21.46 -26.57 11.08
CA PRO A 214 -22.32 -26.35 9.90
C PRO A 214 -22.51 -24.88 9.57
N GLY A 215 -22.27 -23.98 10.53
CA GLY A 215 -22.36 -22.56 10.29
C GLY A 215 -21.33 -22.03 9.29
N GLN A 216 -20.28 -22.81 9.01
CA GLN A 216 -19.32 -22.40 7.98
C GLN A 216 -19.83 -22.65 6.57
N PHE A 217 -20.94 -23.37 6.41
CA PHE A 217 -21.56 -23.53 5.10
C PHE A 217 -22.34 -22.28 4.77
N ALA A 218 -21.97 -21.59 3.69
CA ALA A 218 -22.51 -20.27 3.39
C ALA A 218 -23.39 -20.22 2.14
N GLY A 219 -23.38 -21.24 1.30
CA GLY A 219 -24.19 -21.22 0.09
C GLY A 219 -23.61 -22.11 -0.98
N TYR A 220 -24.24 -22.05 -2.16
CA TYR A 220 -23.86 -22.89 -3.27
C TYR A 220 -24.44 -22.31 -4.55
N THR A 221 -23.95 -22.83 -5.67
CA THR A 221 -24.51 -22.54 -6.98
C THR A 221 -24.95 -23.85 -7.62
N GLY A 222 -25.86 -23.74 -8.59
CA GLY A 222 -26.45 -24.91 -9.19
C GLY A 222 -27.48 -25.57 -8.30
N ALA A 223 -27.93 -26.74 -8.74
CA ALA A 223 -28.94 -27.48 -8.00
C ALA A 223 -28.36 -28.02 -6.70
N ALA A 224 -29.21 -28.08 -5.66
CA ALA A 224 -28.75 -28.52 -4.35
C ALA A 224 -28.24 -29.95 -4.37
N GLU A 225 -28.80 -30.80 -5.21
CA GLU A 225 -28.42 -32.21 -5.26
C GLU A 225 -27.27 -32.49 -6.22
N SER A 226 -26.84 -31.49 -7.00
CA SER A 226 -25.62 -31.60 -7.81
C SER A 226 -25.07 -30.19 -8.02
N PRO A 227 -24.51 -29.59 -6.98
CA PRO A 227 -24.10 -28.19 -7.06
C PRO A 227 -22.93 -28.01 -8.01
N THR A 228 -22.86 -26.83 -8.61
CA THR A 228 -21.69 -26.49 -9.42
C THR A 228 -20.57 -25.90 -8.57
N SER A 229 -20.87 -25.51 -7.33
CA SER A 229 -19.88 -25.01 -6.40
C SER A 229 -20.48 -24.99 -5.00
N VAL A 230 -19.59 -24.92 -4.01
CA VAL A 230 -19.95 -24.89 -2.60
C VAL A 230 -19.21 -23.72 -1.95
N LEU A 231 -19.94 -22.84 -1.27
CA LEU A 231 -19.37 -21.66 -0.64
C LEU A 231 -19.26 -21.89 0.86
N LEU A 232 -18.08 -21.65 1.40
CA LEU A 232 -17.78 -21.78 2.82
C LEU A 232 -17.28 -20.44 3.35
N ILE A 233 -17.31 -20.28 4.67
CA ILE A 233 -16.82 -19.07 5.31
C ILE A 233 -16.02 -19.46 6.55
N ASN A 234 -14.91 -18.76 6.76
CA ASN A 234 -14.06 -18.99 7.91
C ASN A 234 -13.37 -17.69 8.29
N HIS A 235 -13.45 -17.33 9.56
CA HIS A 235 -12.89 -16.07 10.07
C HIS A 235 -13.37 -14.90 9.22
N GLY A 236 -14.61 -14.98 8.75
CA GLY A 236 -15.21 -13.91 7.98
C GLY A 236 -14.86 -13.85 6.51
N LEU A 237 -14.00 -14.76 6.03
CA LEU A 237 -13.54 -14.80 4.64
C LEU A 237 -14.12 -16.02 3.92
N HIS A 238 -14.56 -15.83 2.68
CA HIS A 238 -15.22 -16.88 1.92
C HIS A 238 -14.24 -17.75 1.16
N ILE A 239 -14.63 -19.03 1.01
CA ILE A 239 -13.89 -20.05 0.27
C ILE A 239 -14.89 -20.72 -0.65
N GLU A 240 -14.58 -20.84 -1.93
CA GLU A 240 -15.51 -21.46 -2.88
C GLU A 240 -14.86 -22.66 -3.57
N ILE A 241 -15.46 -23.83 -3.41
CA ILE A 241 -15.03 -25.03 -4.11
C ILE A 241 -15.80 -25.13 -5.42
N LEU A 242 -15.10 -25.03 -6.55
CA LEU A 242 -15.72 -25.16 -7.87
C LEU A 242 -15.74 -26.63 -8.27
N ILE A 243 -16.90 -27.12 -8.69
CA ILE A 243 -17.12 -28.53 -9.00
C ILE A 243 -17.42 -28.67 -10.48
N ASP A 244 -16.54 -29.36 -11.20
CA ASP A 244 -16.71 -29.53 -12.63
C ASP A 244 -15.85 -30.70 -13.10
N PRO A 245 -16.42 -31.91 -13.13
CA PRO A 245 -15.62 -33.08 -13.54
C PRO A 245 -15.21 -33.06 -14.99
N GLU A 246 -15.81 -32.20 -15.81
CA GLU A 246 -15.46 -32.11 -17.21
C GLU A 246 -14.33 -31.12 -17.48
N SER A 247 -13.71 -30.58 -16.45
CA SER A 247 -12.58 -29.68 -16.64
C SER A 247 -11.29 -30.49 -16.65
N GLN A 248 -10.20 -29.85 -17.10
CA GLN A 248 -8.91 -30.52 -17.16
C GLN A 248 -8.47 -31.01 -15.78
N VAL A 249 -8.55 -30.13 -14.78
CA VAL A 249 -8.20 -30.51 -13.41
C VAL A 249 -9.30 -31.34 -12.77
N GLY A 250 -10.57 -31.02 -13.05
CA GLY A 250 -11.67 -31.74 -12.43
C GLY A 250 -11.71 -33.21 -12.84
N THR A 251 -11.30 -33.52 -14.07
CA THR A 251 -11.30 -34.91 -14.53
C THR A 251 -10.36 -35.78 -13.70
N THR A 252 -9.29 -35.19 -13.17
CA THR A 252 -8.31 -35.92 -12.38
C THR A 252 -8.67 -36.00 -10.89
N ASP A 253 -9.65 -35.23 -10.43
CA ASP A 253 -9.89 -35.06 -9.00
C ASP A 253 -10.89 -36.09 -8.49
N ARG A 254 -10.64 -36.59 -7.28
CA ARG A 254 -11.49 -37.63 -6.71
C ARG A 254 -12.93 -37.15 -6.46
N ALA A 255 -13.14 -35.83 -6.37
CA ALA A 255 -14.47 -35.28 -6.18
C ALA A 255 -14.90 -34.41 -7.35
N GLY A 256 -14.14 -34.42 -8.44
CA GLY A 256 -14.43 -33.54 -9.56
C GLY A 256 -14.15 -32.08 -9.28
N VAL A 257 -13.37 -31.77 -8.25
CA VAL A 257 -13.10 -30.38 -7.91
C VAL A 257 -12.18 -29.76 -8.97
N LYS A 258 -12.56 -28.58 -9.45
CA LYS A 258 -11.83 -27.87 -10.49
C LYS A 258 -10.88 -26.81 -9.94
N ASP A 259 -11.23 -26.18 -8.83
CA ASP A 259 -10.44 -25.10 -8.27
C ASP A 259 -10.99 -24.79 -6.88
N VAL A 260 -10.21 -24.04 -6.11
CA VAL A 260 -10.64 -23.47 -4.85
C VAL A 260 -10.40 -21.97 -4.95
N ILE A 261 -11.47 -21.19 -4.86
CA ILE A 261 -11.42 -19.73 -4.99
C ILE A 261 -11.41 -19.12 -3.60
N LEU A 262 -10.49 -18.20 -3.35
CA LEU A 262 -10.40 -17.52 -2.06
C LEU A 262 -10.80 -16.06 -2.19
N GLU A 263 -11.64 -15.60 -1.27
CA GLU A 263 -11.79 -14.16 -1.08
C GLU A 263 -10.45 -13.63 -0.61
N SER A 264 -9.87 -12.69 -1.38
CA SER A 264 -8.46 -12.37 -1.25
C SER A 264 -8.21 -10.90 -0.91
N ALA A 265 -8.15 -10.04 -1.92
CA ALA A 265 -7.91 -8.62 -1.68
C ALA A 265 -9.23 -8.00 -1.24
N ILE A 266 -9.46 -7.96 0.07
CA ILE A 266 -10.72 -7.43 0.60
C ILE A 266 -10.85 -5.95 0.25
N THR A 267 -9.77 -5.19 0.43
CA THR A 267 -9.70 -3.78 0.06
C THR A 267 -8.46 -3.57 -0.81
N THR A 268 -8.51 -2.51 -1.62
CA THR A 268 -7.42 -2.13 -2.51
C THR A 268 -7.20 -0.63 -2.42
N ILE A 269 -5.93 -0.23 -2.37
CA ILE A 269 -5.55 1.17 -2.33
C ILE A 269 -5.11 1.56 -3.74
N MET A 270 -5.90 2.43 -4.38
CA MET A 270 -5.55 2.99 -5.68
C MET A 270 -4.65 4.19 -5.45
N ASP A 271 -3.40 4.10 -5.93
CA ASP A 271 -2.31 4.94 -5.42
C ASP A 271 -1.99 6.09 -6.37
N PHE A 272 -2.11 7.31 -5.87
CA PHE A 272 -1.58 8.51 -6.53
C PHE A 272 -0.22 8.91 -6.00
N GLU A 273 0.29 8.21 -4.98
CA GLU A 273 1.52 8.65 -4.29
C GLU A 273 2.73 7.82 -4.73
N ASP A 274 3.30 7.03 -3.82
CA ASP A 274 4.68 6.59 -4.02
C ASP A 274 4.88 5.58 -5.15
N SER A 275 3.83 4.97 -5.69
CA SER A 275 3.98 4.02 -6.79
C SER A 275 3.68 4.62 -8.17
N VAL A 276 3.42 5.92 -8.27
CA VAL A 276 3.22 6.53 -9.59
C VAL A 276 4.13 7.73 -9.75
N ALA A 277 4.38 8.08 -11.02
CA ALA A 277 5.18 9.24 -11.41
C ALA A 277 4.25 10.20 -12.15
N ALA A 278 3.91 11.31 -11.50
CA ALA A 278 2.95 12.25 -12.07
C ALA A 278 3.40 13.64 -11.70
N VAL A 279 3.92 14.38 -12.69
CA VAL A 279 4.66 15.61 -12.42
C VAL A 279 4.02 16.84 -13.06
N ASP A 280 2.85 16.70 -13.69
CA ASP A 280 2.20 17.83 -14.33
C ASP A 280 0.72 17.50 -14.52
N ALA A 281 0.00 18.43 -15.15
CA ALA A 281 -1.45 18.25 -15.26
C ALA A 281 -1.80 17.07 -16.16
N ALA A 282 -1.04 16.87 -17.23
CA ALA A 282 -1.28 15.72 -18.12
C ALA A 282 -1.21 14.42 -17.35
N ASP A 283 -0.17 14.26 -16.54
CA ASP A 283 -0.05 13.05 -15.71
C ASP A 283 -1.17 12.94 -14.70
N LYS A 284 -1.48 14.02 -13.99
CA LYS A 284 -2.52 13.94 -12.97
C LYS A 284 -3.87 13.58 -13.60
N VAL A 285 -4.16 14.11 -14.79
CA VAL A 285 -5.43 13.80 -15.45
C VAL A 285 -5.50 12.32 -15.83
N LEU A 286 -4.39 11.73 -16.27
CA LEU A 286 -4.39 10.29 -16.57
C LEU A 286 -4.81 9.50 -15.34
N GLY A 287 -4.27 9.86 -14.17
CA GLY A 287 -4.63 9.16 -12.95
C GLY A 287 -6.05 9.44 -12.51
N TYR A 288 -6.44 10.71 -12.55
CA TYR A 288 -7.81 11.05 -12.16
C TYR A 288 -8.82 10.34 -13.04
N ARG A 289 -8.54 10.23 -14.35
CA ARG A 289 -9.50 9.58 -15.25
C ARG A 289 -9.63 8.09 -14.97
N ASN A 290 -8.54 7.44 -14.56
CA ASN A 290 -8.63 6.03 -14.16
C ASN A 290 -9.42 5.89 -12.87
N TRP A 291 -9.17 6.76 -11.91
CA TRP A 291 -9.94 6.75 -10.66
C TRP A 291 -11.42 7.00 -10.94
N LEU A 292 -11.72 7.85 -11.93
CA LEU A 292 -13.09 8.08 -12.36
C LEU A 292 -13.71 6.83 -12.97
N GLY A 293 -12.99 6.17 -13.88
CA GLY A 293 -13.50 4.94 -14.48
C GLY A 293 -13.76 3.84 -13.47
N LEU A 294 -12.92 3.76 -12.43
CA LEU A 294 -13.15 2.75 -11.39
C LEU A 294 -14.41 3.05 -10.60
N ASN A 295 -14.65 4.32 -10.29
CA ASN A 295 -15.81 4.66 -9.46
C ASN A 295 -17.10 4.64 -10.27
N LYS A 296 -17.04 5.01 -11.55
CA LYS A 296 -18.23 4.88 -12.40
C LYS A 296 -18.47 3.44 -12.82
N GLY A 297 -17.46 2.57 -12.74
CA GLY A 297 -17.61 1.18 -13.10
C GLY A 297 -17.31 0.83 -14.53
N ASP A 298 -16.94 1.81 -15.36
CA ASP A 298 -16.80 1.58 -16.80
C ASP A 298 -15.35 1.62 -17.29
N LEU A 299 -14.37 1.57 -16.39
CA LEU A 299 -12.98 1.51 -16.84
C LEU A 299 -12.76 0.23 -17.64
N ALA A 300 -12.10 0.36 -18.78
CA ALA A 300 -11.79 -0.82 -19.60
C ALA A 300 -10.45 -0.59 -20.28
N ALA A 301 -9.55 -1.56 -20.17
CA ALA A 301 -8.18 -1.39 -20.64
C ALA A 301 -7.88 -2.33 -21.81
N ALA A 302 -6.89 -1.95 -22.61
CA ALA A 302 -6.47 -2.72 -23.77
C ALA A 302 -5.45 -3.78 -23.39
N VAL A 303 -5.62 -4.98 -23.95
CA VAL A 303 -4.79 -6.16 -23.66
C VAL A 303 -4.77 -6.41 -22.15
N PHE A 310 -7.33 -7.55 -26.80
CA PHE A 310 -8.70 -7.47 -26.30
C PHE A 310 -8.80 -6.48 -25.13
N LEU A 311 -9.97 -6.38 -24.51
CA LEU A 311 -10.17 -5.42 -23.44
C LEU A 311 -10.65 -6.08 -22.16
N ARG A 312 -10.20 -5.50 -21.05
CA ARG A 312 -10.44 -6.01 -19.70
C ARG A 312 -11.36 -5.06 -18.95
N VAL A 313 -12.30 -5.61 -18.17
CA VAL A 313 -13.33 -4.83 -17.49
C VAL A 313 -13.42 -5.23 -16.03
N LEU A 314 -14.26 -4.49 -15.30
CA LEU A 314 -14.51 -4.77 -13.88
C LEU A 314 -15.50 -5.90 -13.72
N ASN A 315 -15.25 -6.77 -12.75
CA ASN A 315 -16.12 -7.90 -12.48
C ASN A 315 -17.42 -7.45 -11.82
N ARG A 316 -18.50 -8.15 -12.13
CA ARG A 316 -19.76 -7.92 -11.45
C ARG A 316 -19.81 -8.75 -10.18
N ASP A 317 -20.82 -8.48 -9.35
CA ASP A 317 -20.95 -9.21 -8.10
C ASP A 317 -21.34 -10.67 -8.36
N ARG A 318 -21.18 -11.49 -7.32
CA ARG A 318 -21.29 -12.94 -7.43
C ARG A 318 -22.61 -13.40 -6.82
N ASN A 319 -23.33 -14.25 -7.54
CA ASN A 319 -24.66 -14.71 -7.14
C ASN A 319 -24.58 -16.10 -6.51
N TYR A 320 -25.28 -16.28 -5.39
CA TYR A 320 -25.30 -17.56 -4.70
C TYR A 320 -26.71 -17.90 -4.25
N THR A 321 -26.93 -19.18 -4.00
CA THR A 321 -28.10 -19.66 -3.29
C THR A 321 -27.72 -19.87 -1.83
N ALA A 322 -28.50 -19.29 -0.93
CA ALA A 322 -28.28 -19.47 0.50
C ALA A 322 -28.54 -20.93 0.88
N PRO A 323 -27.96 -21.40 2.00
CA PRO A 323 -28.21 -22.79 2.41
C PRO A 323 -29.68 -23.12 2.55
N GLY A 324 -30.48 -22.18 3.04
CA GLY A 324 -31.92 -22.33 3.09
C GLY A 324 -32.54 -22.35 1.70
N GLY A 325 -32.37 -21.28 0.93
CA GLY A 325 -32.88 -21.28 -0.43
C GLY A 325 -32.93 -19.96 -1.16
N GLY A 326 -32.71 -18.85 -0.47
CA GLY A 326 -32.80 -17.55 -1.11
C GLY A 326 -31.63 -17.26 -2.04
N GLN A 327 -31.79 -16.21 -2.83
CA GLN A 327 -30.74 -15.74 -3.73
C GLN A 327 -30.07 -14.54 -3.09
N PHE A 328 -28.80 -14.68 -2.73
CA PHE A 328 -28.04 -13.55 -2.21
C PHE A 328 -26.84 -13.27 -3.09
N THR A 329 -26.16 -12.18 -2.78
CA THR A 329 -25.09 -11.66 -3.64
C THR A 329 -23.92 -11.27 -2.76
N LEU A 330 -22.70 -11.50 -3.27
CA LEU A 330 -21.49 -11.09 -2.60
C LEU A 330 -20.72 -10.09 -3.47
N PRO A 331 -20.05 -9.11 -2.87
CA PRO A 331 -19.26 -8.16 -3.67
C PRO A 331 -18.26 -8.87 -4.56
N GLY A 332 -18.24 -8.48 -5.83
CA GLY A 332 -17.28 -9.03 -6.75
C GLY A 332 -15.99 -8.27 -6.84
N ARG A 333 -15.92 -7.08 -6.21
CA ARG A 333 -14.77 -6.22 -6.33
C ARG A 333 -14.21 -5.85 -4.96
N SER A 334 -12.93 -5.52 -4.95
CA SER A 334 -12.28 -5.02 -3.75
CA SER A 334 -12.31 -5.04 -3.73
C SER A 334 -12.84 -3.65 -3.40
N LEU A 335 -13.09 -3.40 -2.11
CA LEU A 335 -13.50 -2.07 -1.68
C LEU A 335 -12.32 -1.12 -1.84
N MET A 336 -12.53 0.03 -2.51
CA MET A 336 -11.41 0.87 -2.95
C MET A 336 -11.16 2.03 -2.00
N PHE A 337 -9.91 2.17 -1.56
CA PHE A 337 -9.32 3.38 -1.03
C PHE A 337 -8.61 4.13 -2.16
N VAL A 338 -8.30 5.40 -1.94
CA VAL A 338 -7.38 6.14 -2.82
C VAL A 338 -6.29 6.77 -1.95
N ARG A 339 -5.01 6.54 -2.29
CA ARG A 339 -3.92 7.19 -1.57
C ARG A 339 -3.58 8.51 -2.27
N ASN A 340 -3.95 9.61 -1.62
CA ASN A 340 -3.57 10.97 -2.04
C ASN A 340 -2.10 11.21 -1.73
N VAL A 341 -1.51 12.23 -2.35
CA VAL A 341 -0.17 12.64 -1.90
C VAL A 341 -0.28 13.37 -0.56
N GLY A 342 0.86 13.50 0.12
CA GLY A 342 0.93 14.17 1.41
C GLY A 342 1.14 15.66 1.27
N HIS A 343 1.55 16.29 2.38
CA HIS A 343 1.55 17.74 2.50
C HIS A 343 2.72 18.43 1.79
N LEU A 344 3.71 17.70 1.26
CA LEU A 344 4.94 18.36 0.84
C LEU A 344 4.80 19.10 -0.49
N MET A 345 4.44 18.38 -1.55
CA MET A 345 4.77 18.85 -2.90
C MET A 345 3.74 19.82 -3.45
N THR A 346 4.19 20.66 -4.39
CA THR A 346 3.31 21.44 -5.25
C THR A 346 3.33 20.84 -6.65
N ASN A 347 2.38 21.27 -7.49
CA ASN A 347 2.28 20.75 -8.84
C ASN A 347 1.77 21.89 -9.72
N ASP A 348 2.38 22.06 -10.88
CA ASP A 348 2.00 23.21 -11.70
C ASP A 348 0.73 22.98 -12.50
N ALA A 349 0.00 21.88 -12.25
CA ALA A 349 -1.33 21.72 -12.81
C ALA A 349 -2.20 22.94 -12.52
N ILE A 350 -1.98 23.60 -11.38
CA ILE A 350 -2.56 24.91 -11.09
C ILE A 350 -1.44 25.80 -10.56
N VAL A 351 -1.38 27.04 -11.07
CA VAL A 351 -0.47 28.04 -10.53
C VAL A 351 -1.29 29.26 -10.17
N ASP A 352 -0.75 30.10 -9.29
CA ASP A 352 -1.47 31.34 -9.00
C ASP A 352 -0.99 32.44 -9.94
N THR A 353 -1.52 33.64 -9.72
CA THR A 353 -1.25 34.77 -10.61
C THR A 353 0.22 35.16 -10.65
N ASP A 354 0.99 34.77 -9.63
CA ASP A 354 2.42 35.02 -9.59
C ASP A 354 3.23 33.84 -10.12
N GLY A 355 2.58 32.79 -10.62
CA GLY A 355 3.26 31.62 -11.12
C GLY A 355 3.61 30.59 -10.06
N SER A 356 3.26 30.85 -8.80
CA SER A 356 3.48 29.88 -7.72
C SER A 356 2.60 28.66 -7.92
N GLU A 357 3.19 27.47 -7.77
CA GLU A 357 2.45 26.22 -7.92
C GLU A 357 1.58 25.97 -6.70
N VAL A 358 0.45 25.27 -6.92
CA VAL A 358 -0.51 24.97 -5.85
C VAL A 358 -0.11 23.66 -5.17
N PHE A 359 -0.34 23.59 -3.87
CA PHE A 359 -0.08 22.35 -3.10
C PHE A 359 -0.87 21.19 -3.68
N GLU A 360 -0.16 20.07 -3.89
CA GLU A 360 -0.72 18.93 -4.61
C GLU A 360 -1.69 18.12 -3.73
N GLY A 361 -1.39 18.00 -2.45
CA GLY A 361 -2.30 17.32 -1.55
C GLY A 361 -3.66 18.00 -1.47
N ILE A 362 -3.67 19.34 -1.48
CA ILE A 362 -4.94 20.07 -1.51
C ILE A 362 -5.71 19.73 -2.78
N MET A 363 -5.03 19.73 -3.93
CA MET A 363 -5.70 19.39 -5.17
C MET A 363 -6.21 17.95 -5.15
N ASP A 364 -5.42 17.02 -4.60
CA ASP A 364 -5.88 15.63 -4.59
C ASP A 364 -7.16 15.48 -3.79
N ALA A 365 -7.25 16.18 -2.65
CA ALA A 365 -8.45 16.08 -1.83
C ALA A 365 -9.66 16.56 -2.61
N LEU A 366 -9.53 17.69 -3.30
CA LEU A 366 -10.64 18.22 -4.07
C LEU A 366 -11.02 17.29 -5.21
N PHE A 367 -10.03 16.87 -6.00
CA PHE A 367 -10.33 16.13 -7.22
C PHE A 367 -10.64 14.66 -6.95
N THR A 368 -9.85 13.97 -6.11
CA THR A 368 -10.21 12.57 -5.84
C THR A 368 -11.49 12.47 -5.00
N GLY A 369 -11.78 13.47 -4.17
CA GLY A 369 -13.04 13.49 -3.45
C GLY A 369 -14.23 13.68 -4.37
N LEU A 370 -14.13 14.66 -5.27
CA LEU A 370 -15.18 14.87 -6.28
C LEU A 370 -15.45 13.59 -7.05
N ILE A 371 -14.38 12.95 -7.54
CA ILE A 371 -14.54 11.77 -8.39
C ILE A 371 -15.15 10.61 -7.60
N ALA A 372 -14.79 10.48 -6.31
CA ALA A 372 -15.30 9.39 -5.49
C ALA A 372 -16.82 9.45 -5.29
N ILE A 373 -17.44 10.60 -5.56
CA ILE A 373 -18.90 10.66 -5.43
C ILE A 373 -19.56 9.66 -6.38
N HIS A 374 -18.96 9.42 -7.55
CA HIS A 374 -19.53 8.47 -8.49
C HIS A 374 -19.55 7.06 -7.94
N GLY A 375 -18.63 6.72 -7.05
CA GLY A 375 -18.64 5.40 -6.43
C GLY A 375 -19.70 5.23 -5.36
N LEU A 376 -20.43 6.30 -5.02
CA LEU A 376 -21.54 6.23 -4.09
C LEU A 376 -22.88 6.12 -4.79
N LYS A 377 -22.90 6.00 -6.11
CA LYS A 377 -24.15 5.98 -6.83
C LYS A 377 -24.09 4.95 -7.97
N ALA A 378 -25.28 4.60 -8.47
CA ALA A 378 -25.43 3.57 -9.50
C ALA A 378 -24.50 3.82 -10.69
N SER A 379 -23.89 2.74 -11.17
CA SER A 379 -22.90 2.80 -12.25
C SER A 379 -23.51 3.15 -13.62
N GLY A 383 -26.36 -1.16 -13.42
CA GLY A 383 -25.67 -1.83 -12.31
C GLY A 383 -25.66 -1.06 -11.00
N PRO A 384 -25.58 -1.78 -9.89
CA PRO A 384 -25.51 -1.13 -8.58
C PRO A 384 -24.25 -0.30 -8.41
N LEU A 385 -24.28 0.57 -7.40
CA LEU A 385 -23.15 1.45 -7.09
C LEU A 385 -21.88 0.63 -6.83
N ILE A 386 -20.74 1.22 -7.19
CA ILE A 386 -19.50 0.47 -7.29
C ILE A 386 -18.89 0.21 -5.91
N ASN A 387 -18.85 1.23 -5.04
CA ASN A 387 -17.93 1.17 -3.89
C ASN A 387 -18.67 1.14 -2.58
N SER A 388 -18.69 2.23 -1.81
CA SER A 388 -19.20 2.24 -0.44
C SER A 388 -20.73 2.24 -0.40
N ARG A 389 -21.32 1.18 0.15
CA ARG A 389 -22.76 1.17 0.36
C ARG A 389 -23.18 1.98 1.59
N THR A 390 -22.26 2.18 2.53
CA THR A 390 -22.57 2.93 3.75
C THR A 390 -22.35 4.43 3.61
N GLY A 391 -21.81 4.90 2.48
CA GLY A 391 -21.73 6.32 2.21
C GLY A 391 -20.41 7.01 2.49
N SER A 392 -19.30 6.29 2.54
CA SER A 392 -18.00 6.88 2.87
C SER A 392 -17.08 6.92 1.65
N ILE A 393 -16.16 7.89 1.69
CA ILE A 393 -15.04 8.00 0.76
C ILE A 393 -13.76 7.75 1.57
N TYR A 394 -12.90 6.87 1.08
CA TYR A 394 -11.77 6.38 1.88
C TYR A 394 -10.47 6.87 1.29
N ILE A 395 -9.79 7.78 2.00
CA ILE A 395 -8.56 8.40 1.50
C ILE A 395 -7.41 8.04 2.44
N VAL A 396 -6.37 7.42 1.89
CA VAL A 396 -5.13 7.23 2.64
C VAL A 396 -4.31 8.51 2.54
N LYS A 397 -3.92 9.05 3.69
CA LYS A 397 -3.10 10.25 3.74
C LYS A 397 -1.70 9.88 4.22
N PRO A 398 -0.69 9.95 3.36
CA PRO A 398 0.65 9.51 3.73
C PRO A 398 1.51 10.65 4.27
N LYS A 399 2.61 10.24 4.89
CA LYS A 399 3.77 11.10 5.19
C LYS A 399 3.44 12.28 6.10
N MET A 400 2.46 12.13 7.00
CA MET A 400 2.20 13.17 7.97
C MET A 400 3.16 13.09 9.14
N HIS A 401 3.51 14.25 9.68
CA HIS A 401 4.43 14.39 10.82
C HIS A 401 3.69 15.02 12.01
N GLY A 402 3.11 14.19 12.87
CA GLY A 402 2.57 14.67 14.14
C GLY A 402 1.12 15.12 14.08
N PRO A 403 0.52 15.43 15.24
CA PRO A 403 -0.95 15.60 15.28
C PRO A 403 -1.45 16.89 14.63
N ALA A 404 -0.66 17.97 14.63
CA ALA A 404 -1.12 19.18 13.96
C ALA A 404 -1.29 18.94 12.47
N GLU A 405 -0.41 18.10 11.89
CA GLU A 405 -0.56 17.78 10.48
C GLU A 405 -1.77 16.89 10.21
N VAL A 406 -2.12 16.01 11.15
CA VAL A 406 -3.36 15.24 11.03
C VAL A 406 -4.58 16.17 11.11
N ALA A 407 -4.58 17.07 12.10
CA ALA A 407 -5.68 18.02 12.20
C ALA A 407 -5.86 18.81 10.92
N PHE A 408 -4.74 19.18 10.28
CA PHE A 408 -4.83 19.94 9.03
C PHE A 408 -5.51 19.11 7.94
N THR A 409 -5.13 17.84 7.80
CA THR A 409 -5.81 16.99 6.82
C THR A 409 -7.32 16.94 7.09
N CYS A 410 -7.71 16.85 8.35
CA CYS A 410 -9.12 16.77 8.69
C CYS A 410 -9.84 18.07 8.33
N GLU A 411 -9.20 19.21 8.59
CA GLU A 411 -9.80 20.48 8.20
C GLU A 411 -9.88 20.62 6.68
N LEU A 412 -8.83 20.21 5.97
CA LEU A 412 -8.88 20.19 4.51
C LEU A 412 -10.05 19.35 4.00
N PHE A 413 -10.24 18.16 4.59
CA PHE A 413 -11.34 17.31 4.16
C PHE A 413 -12.69 17.97 4.47
N SER A 414 -12.80 18.62 5.64
CA SER A 414 -14.04 19.31 6.01
C SER A 414 -14.38 20.39 4.98
N ARG A 415 -13.38 21.17 4.61
CA ARG A 415 -13.63 22.23 3.64
C ARG A 415 -13.97 21.66 2.26
N VAL A 416 -13.38 20.52 1.89
CA VAL A 416 -13.69 19.92 0.60
C VAL A 416 -15.12 19.38 0.60
N GLU A 417 -15.53 18.75 1.71
CA GLU A 417 -16.91 18.29 1.83
C GLU A 417 -17.91 19.42 1.62
N ASP A 418 -17.63 20.63 2.13
CA ASP A 418 -18.51 21.77 1.90
C ASP A 418 -18.57 22.14 0.42
N VAL A 419 -17.42 22.21 -0.24
CA VAL A 419 -17.40 22.54 -1.67
C VAL A 419 -18.22 21.50 -2.46
N LEU A 420 -18.11 20.24 -2.07
CA LEU A 420 -18.75 19.15 -2.80
C LEU A 420 -20.20 18.94 -2.39
N GLY A 421 -20.70 19.67 -1.41
CA GLY A 421 -22.04 19.44 -0.89
C GLY A 421 -22.23 18.10 -0.23
N LEU A 422 -21.14 17.51 0.30
CA LEU A 422 -21.22 16.21 0.97
C LEU A 422 -21.44 16.41 2.47
N PRO A 423 -22.08 15.44 3.14
CA PRO A 423 -22.17 15.52 4.60
C PRO A 423 -20.77 15.59 5.21
N GLN A 424 -20.66 16.33 6.31
CA GLN A 424 -19.42 16.31 7.07
C GLN A 424 -19.03 14.88 7.45
N ASN A 425 -17.73 14.59 7.39
CA ASN A 425 -17.10 13.31 7.76
C ASN A 425 -17.38 12.20 6.76
N THR A 426 -17.89 12.52 5.57
CA THR A 426 -17.93 11.55 4.48
C THR A 426 -16.54 11.05 4.14
N MET A 427 -15.58 11.97 4.06
CA MET A 427 -14.23 11.65 3.62
C MET A 427 -13.45 11.10 4.82
N LYS A 428 -13.21 9.79 4.82
CA LYS A 428 -12.52 9.12 5.91
C LYS A 428 -11.01 9.08 5.63
N ILE A 429 -10.21 8.83 6.67
CA ILE A 429 -8.76 8.93 6.56
CA ILE A 429 -8.74 8.94 6.60
C ILE A 429 -8.12 7.62 7.01
N GLY A 430 -7.28 7.07 6.14
CA GLY A 430 -6.40 5.98 6.52
C GLY A 430 -5.07 6.62 6.85
N ILE A 431 -4.68 6.58 8.12
CA ILE A 431 -3.48 7.27 8.59
C ILE A 431 -2.28 6.35 8.41
N MET A 432 -1.30 6.78 7.60
CA MET A 432 -0.01 6.11 7.58
C MET A 432 0.78 6.56 8.80
N ASP A 433 1.29 5.57 9.56
CA ASP A 433 2.25 5.78 10.63
C ASP A 433 3.58 5.43 9.98
N GLU A 434 4.21 6.46 9.36
CA GLU A 434 5.41 6.22 8.57
C GLU A 434 6.42 7.36 8.70
N GLU A 435 6.27 8.19 9.74
CA GLU A 435 7.23 9.23 10.08
C GLU A 435 7.39 9.26 11.60
N ARG A 436 8.63 9.50 12.05
CA ARG A 436 8.96 9.37 13.47
C ARG A 436 8.11 10.28 14.36
N ARG A 437 7.84 11.51 13.90
CA ARG A 437 7.09 12.43 14.75
C ARG A 437 5.62 12.05 14.84
N THR A 438 5.13 11.22 13.92
CA THR A 438 3.83 10.59 14.09
C THR A 438 3.91 9.40 15.04
N THR A 439 4.88 8.50 14.83
CA THR A 439 5.08 7.36 15.73
C THR A 439 5.04 7.78 17.21
N VAL A 440 5.86 8.77 17.60
CA VAL A 440 6.02 9.07 19.02
C VAL A 440 4.87 9.91 19.56
N ASN A 441 3.97 10.38 18.69
CA ASN A 441 2.77 11.11 19.08
C ASN A 441 1.52 10.41 18.55
N LEU A 442 1.55 9.08 18.46
CA LEU A 442 0.54 8.37 17.67
C LEU A 442 -0.85 8.53 18.28
N LYS A 443 -0.97 8.40 19.61
CA LYS A 443 -2.27 8.57 20.26
C LYS A 443 -2.89 9.92 19.92
N ALA A 444 -2.10 10.99 19.98
CA ALA A 444 -2.61 12.32 19.65
C ALA A 444 -3.00 12.41 18.18
N CYS A 445 -2.25 11.75 17.30
CA CYS A 445 -2.59 11.73 15.88
C CYS A 445 -3.94 11.05 15.64
N ILE A 446 -4.18 9.91 16.29
CA ILE A 446 -5.48 9.25 16.15
C ILE A 446 -6.59 10.13 16.71
N LYS A 447 -6.34 10.78 17.86
CA LYS A 447 -7.37 11.63 18.46
C LYS A 447 -7.76 12.77 17.54
N ALA A 448 -6.77 13.37 16.85
CA ALA A 448 -7.07 14.48 15.96
C ALA A 448 -8.03 14.07 14.85
N ALA A 449 -8.04 12.79 14.49
CA ALA A 449 -8.93 12.27 13.45
C ALA A 449 -9.94 11.28 14.02
N ALA A 450 -10.34 11.47 15.28
CA ALA A 450 -11.12 10.45 15.96
C ALA A 450 -12.47 10.18 15.30
N ASP A 451 -13.01 11.13 14.51
CA ASP A 451 -14.28 10.92 13.84
C ASP A 451 -14.14 10.64 12.35
N ARG A 452 -12.90 10.50 11.84
CA ARG A 452 -12.67 10.19 10.43
C ARG A 452 -11.78 8.97 10.21
N VAL A 453 -11.07 8.48 11.22
CA VAL A 453 -10.01 7.51 10.95
C VAL A 453 -10.61 6.13 10.68
N VAL A 454 -10.16 5.50 9.60
CA VAL A 454 -10.55 4.14 9.27
C VAL A 454 -9.40 3.16 9.29
N PHE A 455 -8.14 3.61 9.29
CA PHE A 455 -7.07 2.69 9.64
C PHE A 455 -5.88 3.47 10.17
N ILE A 456 -4.99 2.75 10.85
CA ILE A 456 -3.59 3.14 10.98
C ILE A 456 -2.77 2.03 10.35
N ASN A 457 -1.63 2.38 9.78
CA ASN A 457 -0.82 1.37 9.12
C ASN A 457 0.66 1.71 9.27
N THR A 458 1.47 0.73 9.65
CA THR A 458 2.91 0.96 9.79
C THR A 458 3.57 0.91 8.41
N GLY A 459 3.69 2.08 7.78
CA GLY A 459 4.44 2.18 6.54
C GLY A 459 5.93 2.11 6.85
N PHE A 460 6.44 0.88 7.05
CA PHE A 460 7.74 0.74 7.68
C PHE A 460 8.89 1.20 6.78
N LEU A 461 8.67 1.31 5.48
CA LEU A 461 9.79 1.68 4.63
C LEU A 461 10.01 3.19 4.66
N ASP A 462 8.94 3.99 4.48
CA ASP A 462 9.05 5.42 4.74
C ASP A 462 9.56 5.67 6.16
N ARG A 463 9.07 4.89 7.13
CA ARG A 463 9.47 5.11 8.51
C ARG A 463 10.96 4.94 8.68
N THR A 464 11.55 3.96 8.00
CA THR A 464 12.99 3.74 8.03
C THR A 464 13.74 4.90 7.40
N GLY A 465 13.22 5.43 6.28
CA GLY A 465 13.85 6.60 5.69
C GLY A 465 13.85 7.79 6.62
N ASP A 466 12.73 8.02 7.34
CA ASP A 466 12.66 9.12 8.29
C ASP A 466 13.58 8.88 9.48
N GLU A 467 13.72 7.63 9.92
CA GLU A 467 14.63 7.32 11.02
C GLU A 467 16.05 7.75 10.68
N ILE A 468 16.49 7.42 9.46
CA ILE A 468 17.84 7.78 9.03
C ILE A 468 17.98 9.30 8.92
N HIS A 469 17.01 9.96 8.30
CA HIS A 469 17.20 11.39 8.10
C HIS A 469 17.15 12.17 9.41
N THR A 470 16.23 11.78 10.30
CA THR A 470 16.07 12.54 11.54
C THR A 470 17.35 12.53 12.34
N SER A 471 18.04 11.39 12.37
CA SER A 471 19.26 11.26 13.16
C SER A 471 20.51 11.29 12.28
N MET A 472 20.43 11.95 11.13
CA MET A 472 21.51 11.91 10.14
C MET A 472 22.84 12.35 10.74
N GLU A 473 22.82 13.35 11.61
CA GLU A 473 24.03 13.92 12.21
C GLU A 473 24.52 13.13 13.40
N ALA A 474 23.78 12.11 13.86
CA ALA A 474 24.17 11.39 15.06
C ALA A 474 25.33 10.43 14.82
N GLY A 475 25.52 9.97 13.59
CA GLY A 475 26.58 9.04 13.28
C GLY A 475 26.17 8.07 12.20
N PRO A 476 27.07 7.15 11.86
CA PRO A 476 26.74 6.15 10.84
C PRO A 476 25.70 5.16 11.33
N MET A 477 24.73 4.88 10.47
CA MET A 477 23.67 3.90 10.73
C MET A 477 24.07 2.49 10.30
N VAL A 478 23.37 1.49 10.87
CA VAL A 478 23.52 0.12 10.43
C VAL A 478 23.09 -0.03 8.96
N ARG A 479 23.57 -1.11 8.34
CA ARG A 479 23.16 -1.47 6.99
C ARG A 479 21.65 -1.58 6.89
N LYS A 480 21.11 -1.33 5.70
CA LYS A 480 19.66 -1.25 5.61
C LYS A 480 18.98 -2.60 5.86
N GLY A 481 19.65 -3.71 5.55
CA GLY A 481 19.09 -5.02 5.87
C GLY A 481 19.01 -5.29 7.35
N THR A 482 19.85 -4.63 8.15
CA THR A 482 19.79 -4.74 9.61
C THR A 482 18.61 -3.98 10.19
N MET A 483 18.07 -2.99 9.46
CA MET A 483 17.07 -2.10 10.02
C MET A 483 15.83 -2.85 10.46
N LYS A 484 15.44 -3.88 9.71
CA LYS A 484 14.19 -4.59 9.96
C LYS A 484 14.17 -5.27 11.32
N SER A 485 15.33 -5.43 11.97
CA SER A 485 15.39 -6.09 13.26
C SER A 485 15.92 -5.17 14.36
N GLN A 486 16.09 -3.89 14.10
CA GLN A 486 16.55 -2.98 15.12
C GLN A 486 15.47 -2.73 16.18
N PRO A 487 15.88 -2.47 17.42
CA PRO A 487 14.91 -2.19 18.49
C PRO A 487 13.87 -1.13 18.13
N TRP A 488 14.26 -0.03 17.47
CA TRP A 488 13.29 1.04 17.23
C TRP A 488 12.10 0.55 16.40
N ILE A 489 12.35 -0.29 15.39
CA ILE A 489 11.28 -0.68 14.47
C ILE A 489 10.39 -1.75 15.10
N LEU A 490 10.97 -2.62 15.95
CA LEU A 490 10.16 -3.59 16.64
C LEU A 490 9.24 -2.91 17.64
N ALA A 491 9.73 -1.89 18.33
CA ALA A 491 8.90 -1.13 19.25
C ALA A 491 7.82 -0.36 18.48
N TYR A 492 8.21 0.22 17.34
CA TYR A 492 7.27 0.96 16.51
C TYR A 492 6.09 0.10 16.07
N GLU A 493 6.36 -1.14 15.63
CA GLU A 493 5.28 -2.03 15.21
C GLU A 493 4.32 -2.35 16.35
N ASP A 494 4.85 -2.72 17.53
CA ASP A 494 3.99 -3.06 18.66
C ASP A 494 3.22 -1.84 19.16
N HIS A 495 3.92 -0.70 19.25
CA HIS A 495 3.32 0.56 19.69
C HIS A 495 2.12 0.94 18.82
N ASN A 496 2.22 0.72 17.51
CA ASN A 496 1.13 1.04 16.62
C ASN A 496 -0.10 0.20 16.92
N VAL A 497 0.06 -1.13 17.05
CA VAL A 497 -1.05 -2.00 17.41
C VAL A 497 -1.64 -1.59 18.76
N ASP A 498 -0.78 -1.34 19.75
CA ASP A 498 -1.27 -0.95 21.08
C ASP A 498 -2.15 0.30 21.01
N ALA A 499 -1.73 1.31 20.23
CA ALA A 499 -2.48 2.55 20.16
C ALA A 499 -3.82 2.35 19.46
N GLY A 500 -3.82 1.58 18.37
CA GLY A 500 -5.08 1.28 17.70
C GLY A 500 -6.07 0.57 18.61
N LEU A 501 -5.62 -0.52 19.25
CA LEU A 501 -6.54 -1.29 20.08
C LEU A 501 -7.04 -0.46 21.26
N ALA A 502 -6.16 0.38 21.84
CA ALA A 502 -6.55 1.20 22.98
C ALA A 502 -7.53 2.29 22.57
N ALA A 503 -7.47 2.73 21.31
CA ALA A 503 -8.43 3.68 20.76
C ALA A 503 -9.73 3.01 20.28
N GLY A 504 -9.90 1.71 20.50
CA GLY A 504 -11.13 1.04 20.13
C GLY A 504 -11.23 0.60 18.69
N PHE A 505 -10.09 0.30 18.05
CA PHE A 505 -10.15 -0.07 16.63
C PHE A 505 -10.80 -1.43 16.40
N SER A 506 -10.68 -2.37 17.33
CA SER A 506 -11.33 -3.66 17.16
C SER A 506 -12.80 -3.49 16.85
N GLY A 507 -13.22 -3.96 15.68
CA GLY A 507 -14.59 -3.82 15.24
C GLY A 507 -14.94 -2.48 14.64
N ARG A 508 -13.99 -1.55 14.54
CA ARG A 508 -14.29 -0.19 14.10
C ARG A 508 -13.38 0.30 12.98
N ALA A 509 -12.11 -0.12 12.97
CA ALA A 509 -11.12 0.41 12.03
C ALA A 509 -9.99 -0.59 11.89
N GLN A 510 -9.31 -0.55 10.74
CA GLN A 510 -8.22 -1.50 10.47
C GLN A 510 -6.96 -1.13 11.23
N VAL A 511 -6.22 -2.15 11.67
CA VAL A 511 -4.88 -2.02 12.21
C VAL A 511 -3.96 -2.72 11.21
N GLY A 512 -3.19 -1.94 10.46
CA GLY A 512 -2.52 -2.45 9.28
C GLY A 512 -1.00 -2.47 9.39
N LYS A 513 -0.38 -3.42 8.69
CA LYS A 513 1.08 -3.51 8.62
C LYS A 513 1.50 -3.57 7.15
N GLY A 514 2.82 -3.63 6.91
CA GLY A 514 3.39 -3.15 5.67
C GLY A 514 3.60 -4.18 4.56
N MET A 515 4.25 -3.69 3.51
CA MET A 515 4.31 -4.36 2.21
C MET A 515 5.35 -5.47 2.16
N TRP A 516 4.98 -6.58 1.54
CA TRP A 516 5.94 -7.61 1.14
C TRP A 516 6.46 -7.29 -0.27
N THR A 517 7.77 -7.02 -0.37
CA THR A 517 8.33 -6.50 -1.62
C THR A 517 8.95 -7.55 -2.53
N MET A 518 9.20 -8.77 -2.04
CA MET A 518 9.86 -9.80 -2.84
C MET A 518 8.79 -10.53 -3.65
N THR A 519 8.53 -10.00 -4.85
CA THR A 519 7.31 -10.39 -5.56
C THR A 519 7.33 -11.84 -6.03
N GLU A 520 8.51 -12.46 -6.18
CA GLU A 520 8.56 -13.84 -6.62
C GLU A 520 8.86 -14.81 -5.47
N LEU A 521 9.10 -14.32 -4.26
CA LEU A 521 9.41 -15.19 -3.13
C LEU A 521 8.13 -15.49 -2.35
N MET A 522 7.24 -16.25 -3.01
CA MET A 522 5.92 -16.51 -2.44
C MET A 522 5.94 -17.62 -1.39
N ALA A 523 6.79 -18.65 -1.56
CA ALA A 523 7.00 -19.60 -0.48
C ALA A 523 7.46 -18.89 0.78
N ASP A 524 8.42 -17.97 0.65
CA ASP A 524 8.89 -17.24 1.81
C ASP A 524 7.79 -16.35 2.39
N MET A 525 6.97 -15.73 1.53
CA MET A 525 5.87 -14.92 2.04
C MET A 525 4.89 -15.76 2.86
N VAL A 526 4.53 -16.95 2.35
CA VAL A 526 3.59 -17.80 3.06
C VAL A 526 4.18 -18.25 4.39
N GLU A 527 5.49 -18.47 4.44
CA GLU A 527 6.14 -18.91 5.68
C GLU A 527 6.25 -17.79 6.70
N THR A 528 6.52 -16.55 6.26
CA THR A 528 6.91 -15.51 7.21
CA THR A 528 6.96 -15.45 7.13
C THR A 528 5.87 -14.43 7.44
N LYS A 529 5.08 -14.03 6.45
CA LYS A 529 4.16 -12.91 6.63
C LYS A 529 3.01 -13.21 7.60
N ILE A 530 2.83 -14.48 7.98
CA ILE A 530 1.87 -14.83 9.04
C ILE A 530 2.14 -14.08 10.33
N ALA A 531 3.37 -13.59 10.53
CA ALA A 531 3.70 -12.80 11.72
C ALA A 531 2.80 -11.59 11.86
N GLN A 532 2.33 -11.02 10.74
CA GLN A 532 1.55 -9.79 10.85
C GLN A 532 0.19 -10.03 11.48
N PRO A 533 -0.64 -10.97 10.99
CA PRO A 533 -1.89 -11.23 11.72
C PRO A 533 -1.65 -11.81 13.11
N ARG A 534 -0.56 -12.55 13.31
CA ARG A 534 -0.24 -13.02 14.65
C ARG A 534 0.06 -11.85 15.60
N ALA A 535 0.51 -10.71 15.07
CA ALA A 535 0.76 -9.52 15.88
C ALA A 535 -0.49 -8.67 16.07
N GLY A 536 -1.65 -9.14 15.62
CA GLY A 536 -2.90 -8.44 15.79
C GLY A 536 -3.29 -7.51 14.66
N ALA A 537 -2.59 -7.56 13.54
CA ALA A 537 -2.93 -6.70 12.40
C ALA A 537 -4.13 -7.29 11.68
N SER A 538 -5.16 -6.48 11.46
CA SER A 538 -6.34 -6.95 10.73
C SER A 538 -6.20 -6.77 9.23
N THR A 539 -5.12 -6.12 8.78
CA THR A 539 -4.79 -6.13 7.36
C THR A 539 -3.30 -5.92 7.23
N ALA A 540 -2.77 -6.28 6.05
CA ALA A 540 -1.40 -5.94 5.70
C ALA A 540 -1.25 -5.92 4.19
N TRP A 541 -0.16 -5.32 3.73
CA TRP A 541 -0.07 -4.95 2.32
C TRP A 541 0.57 -6.05 1.48
N VAL A 542 -0.02 -6.30 0.31
CA VAL A 542 0.50 -7.26 -0.66
C VAL A 542 0.77 -6.53 -1.98
N PRO A 543 1.71 -7.03 -2.80
CA PRO A 543 2.06 -6.36 -4.06
C PRO A 543 1.30 -6.80 -5.31
N SER A 544 0.48 -7.86 -5.25
CA SER A 544 -0.13 -8.39 -6.46
C SER A 544 -1.38 -9.17 -6.07
N PRO A 545 -2.30 -9.40 -7.02
CA PRO A 545 -3.44 -10.28 -6.71
C PRO A 545 -3.03 -11.68 -6.30
N THR A 546 -2.01 -12.26 -6.93
CA THR A 546 -1.52 -13.57 -6.51
C THR A 546 -1.10 -13.54 -5.04
N ALA A 547 -0.33 -12.52 -4.66
CA ALA A 547 0.12 -12.44 -3.27
C ALA A 547 -1.05 -12.19 -2.34
N ALA A 548 -2.10 -11.51 -2.81
CA ALA A 548 -3.30 -11.35 -2.00
C ALA A 548 -3.93 -12.70 -1.69
N THR A 549 -4.02 -13.57 -2.71
CA THR A 549 -4.63 -14.89 -2.52
C THR A 549 -3.81 -15.74 -1.53
N LEU A 550 -2.48 -15.67 -1.63
CA LEU A 550 -1.65 -16.48 -0.74
C LEU A 550 -1.64 -15.90 0.69
N HIS A 551 -1.67 -14.59 0.83
CA HIS A 551 -1.69 -13.99 2.17
C HIS A 551 -3.03 -14.23 2.85
N ALA A 552 -4.10 -14.43 2.08
CA ALA A 552 -5.40 -14.81 2.63
C ALA A 552 -5.31 -16.07 3.48
N LEU A 553 -4.42 -17.01 3.10
CA LEU A 553 -4.24 -18.22 3.91
C LEU A 553 -3.92 -17.89 5.37
N HIS A 554 -3.17 -16.82 5.60
CA HIS A 554 -2.76 -16.50 6.97
C HIS A 554 -3.95 -16.12 7.85
N TYR A 555 -4.97 -15.49 7.28
CA TYR A 555 -6.13 -15.06 8.06
C TYR A 555 -7.08 -16.22 8.34
N HIS A 556 -6.95 -17.32 7.60
CA HIS A 556 -7.69 -18.54 7.92
C HIS A 556 -7.00 -19.30 9.04
N GLN A 557 -5.67 -19.17 9.12
CA GLN A 557 -4.91 -19.86 10.17
CA GLN A 557 -4.90 -19.85 10.15
C GLN A 557 -4.91 -19.09 11.47
N VAL A 558 -4.93 -17.76 11.42
CA VAL A 558 -4.85 -16.90 12.58
C VAL A 558 -6.20 -16.21 12.78
N ASP A 559 -6.75 -16.30 13.99
CA ASP A 559 -7.99 -15.60 14.37
C ASP A 559 -7.60 -14.21 14.87
N VAL A 560 -7.53 -13.24 13.95
CA VAL A 560 -7.06 -11.91 14.33
C VAL A 560 -7.96 -11.28 15.39
N ALA A 561 -9.28 -11.52 15.30
CA ALA A 561 -10.16 -10.95 16.31
C ALA A 561 -9.80 -11.45 17.70
N ALA A 562 -9.55 -12.75 17.83
CA ALA A 562 -9.12 -13.29 19.11
C ALA A 562 -7.76 -12.74 19.51
N VAL A 563 -6.84 -12.57 18.55
CA VAL A 563 -5.52 -12.05 18.91
C VAL A 563 -5.63 -10.63 19.46
N GLN A 564 -6.46 -9.80 18.80
CA GLN A 564 -6.64 -8.43 19.28
C GLN A 564 -7.26 -8.39 20.67
N GLN A 565 -8.23 -9.27 20.93
CA GLN A 565 -8.83 -9.29 22.27
C GLN A 565 -7.80 -9.66 23.33
N GLY A 566 -6.90 -10.59 23.01
CA GLY A 566 -5.84 -10.94 23.94
C GLY A 566 -4.81 -9.85 24.16
N LEU A 567 -4.63 -8.95 23.18
CA LEU A 567 -3.65 -7.88 23.29
C LEU A 567 -4.19 -6.67 24.04
N ALA A 568 -5.48 -6.64 24.33
CA ALA A 568 -6.12 -5.45 24.88
C ALA A 568 -5.48 -5.04 26.20
N GLY A 569 -5.24 -3.73 26.34
CA GLY A 569 -4.73 -3.17 27.58
C GLY A 569 -3.22 -3.22 27.75
N LYS A 570 -2.50 -3.90 26.87
CA LYS A 570 -1.06 -4.03 27.03
C LYS A 570 -0.34 -2.78 26.54
N ARG A 571 0.82 -2.50 27.15
CA ARG A 571 1.69 -1.41 26.71
C ARG A 571 3.08 -2.00 26.53
N ARG A 572 3.40 -2.37 25.29
CA ARG A 572 4.55 -3.21 25.02
C ARG A 572 5.76 -2.47 24.47
N ALA A 573 5.66 -1.15 24.28
CA ALA A 573 6.79 -0.35 23.84
C ALA A 573 6.92 0.88 24.71
N THR A 574 8.15 1.21 25.09
CA THR A 574 8.42 2.45 25.82
C THR A 574 8.85 3.53 24.84
N ILE A 575 8.74 4.78 25.29
CA ILE A 575 9.24 5.88 24.48
C ILE A 575 10.75 5.76 24.28
N GLU A 576 11.46 5.25 25.30
CA GLU A 576 12.90 5.05 25.14
C GLU A 576 13.19 4.05 24.03
N GLN A 577 12.39 2.97 23.94
CA GLN A 577 12.55 2.00 22.87
C GLN A 577 12.28 2.63 21.52
N LEU A 578 11.18 3.38 21.41
CA LEU A 578 10.86 4.07 20.16
C LEU A 578 12.00 4.98 19.71
N LEU A 579 12.69 5.59 20.67
CA LEU A 579 13.69 6.60 20.38
C LEU A 579 15.11 6.05 20.29
N THR A 580 15.27 4.73 20.21
CA THR A 580 16.60 4.11 20.11
C THR A 580 17.11 4.24 18.68
N ILE A 581 18.04 5.16 18.47
CA ILE A 581 18.57 5.46 17.13
C ILE A 581 19.42 4.28 16.65
N PRO A 582 19.24 3.80 15.33
CA PRO A 582 19.96 2.62 14.80
C PRO A 582 21.43 2.88 14.42
N LEU A 583 22.20 3.44 15.34
CA LEU A 583 23.60 3.74 15.09
C LEU A 583 24.41 2.45 15.05
N ALA A 584 25.35 2.37 14.11
CA ALA A 584 26.22 1.21 14.03
C ALA A 584 27.26 1.26 15.14
N LYS A 585 27.62 0.10 15.66
CA LYS A 585 28.66 0.03 16.67
C LYS A 585 30.02 0.25 16.00
N GLU A 586 31.03 0.46 16.85
CA GLU A 586 32.36 0.88 16.41
C GLU A 586 32.97 -0.09 15.41
N ALA A 588 32.83 -2.17 12.50
CA ALA A 588 31.72 -3.12 12.48
C ALA A 588 31.62 -3.82 11.12
N TRP A 589 32.32 -3.28 10.13
CA TRP A 589 32.31 -3.86 8.79
C TRP A 589 33.61 -4.07 8.03
N ALA A 590 33.79 -5.24 7.50
CA ALA A 590 34.93 -5.46 6.63
C ALA A 590 34.71 -4.74 5.30
N PRO A 591 35.78 -4.49 4.53
CA PRO A 591 35.61 -3.72 3.29
C PRO A 591 34.67 -4.38 2.30
N ASP A 592 34.62 -5.71 2.26
CA ASP A 592 33.73 -6.37 1.31
C ASP A 592 32.26 -6.19 1.67
N GLU A 593 31.95 -6.13 2.97
CA GLU A 593 30.58 -5.85 3.39
C GLU A 593 30.17 -4.42 3.05
N ILE A 594 31.08 -3.45 3.24
CA ILE A 594 30.77 -2.06 2.88
C ILE A 594 30.51 -1.96 1.39
N ARG A 595 31.33 -2.66 0.58
CA ARG A 595 31.18 -2.60 -0.87
C ARG A 595 29.87 -3.22 -1.32
N GLU A 596 29.48 -4.35 -0.70
CA GLU A 596 28.20 -4.96 -1.03
C GLU A 596 27.04 -4.01 -0.73
N GLU A 597 27.10 -3.31 0.41
CA GLU A 597 26.02 -2.38 0.75
C GLU A 597 25.93 -1.25 -0.25
N VAL A 598 27.09 -0.71 -0.68
CA VAL A 598 27.07 0.39 -1.64
C VAL A 598 26.55 -0.07 -2.99
N ASP A 599 27.07 -1.20 -3.51
CA ASP A 599 26.65 -1.69 -4.81
C ASP A 599 25.17 -2.07 -4.79
N ASN A 600 24.71 -2.71 -3.72
CA ASN A 600 23.30 -3.05 -3.62
C ASN A 600 22.43 -1.82 -3.63
N ASN A 601 22.78 -0.82 -2.84
CA ASN A 601 21.95 0.39 -2.82
C ASN A 601 22.01 1.12 -4.16
N CYS A 602 23.19 1.19 -4.80
CA CYS A 602 23.27 1.91 -6.07
C CYS A 602 22.51 1.19 -7.17
N GLN A 603 22.56 -0.15 -7.17
CA GLN A 603 21.84 -0.91 -8.19
C GLN A 603 20.33 -0.71 -8.05
N SER A 604 19.81 -0.75 -6.82
CA SER A 604 18.38 -0.59 -6.64
C SER A 604 17.93 0.85 -6.88
N ILE A 605 18.77 1.82 -6.53
CA ILE A 605 18.46 3.22 -6.85
C ILE A 605 18.39 3.41 -8.36
N LEU A 606 19.44 2.98 -9.08
CA LEU A 606 19.49 3.20 -10.52
C LEU A 606 18.37 2.45 -11.25
N GLY A 607 18.09 1.20 -10.85
CA GLY A 607 17.06 0.44 -11.56
C GLY A 607 15.70 1.08 -11.43
N TYR A 608 15.42 1.68 -10.27
CA TYR A 608 14.13 2.34 -10.06
C TYR A 608 14.09 3.69 -10.76
N VAL A 609 15.15 4.49 -10.57
CA VAL A 609 15.13 5.89 -11.01
C VAL A 609 15.14 5.99 -12.53
N VAL A 610 15.82 5.06 -13.23
CA VAL A 610 15.91 5.19 -14.69
C VAL A 610 14.54 5.05 -15.33
N ARG A 611 13.70 4.16 -14.81
CA ARG A 611 12.34 4.02 -15.35
C ARG A 611 11.44 5.14 -14.87
N TRP A 612 11.72 5.71 -13.69
CA TRP A 612 10.97 6.87 -13.22
C TRP A 612 11.19 8.07 -14.13
N VAL A 613 12.46 8.41 -14.37
CA VAL A 613 12.78 9.67 -15.04
C VAL A 613 12.52 9.58 -16.55
N ASP A 614 12.92 8.49 -17.18
CA ASP A 614 12.84 8.41 -18.64
C ASP A 614 11.50 7.90 -19.15
N GLN A 615 10.73 7.17 -18.33
CA GLN A 615 9.48 6.58 -18.79
C GLN A 615 8.28 6.89 -17.91
N GLY A 616 8.45 7.66 -16.84
CA GLY A 616 7.33 8.00 -15.98
C GLY A 616 6.70 6.81 -15.28
N VAL A 617 7.48 5.78 -14.95
CA VAL A 617 6.99 4.58 -14.28
C VAL A 617 7.36 4.68 -12.81
N GLY A 618 6.36 4.70 -11.93
CA GLY A 618 6.59 4.94 -10.52
C GLY A 618 6.73 3.71 -9.65
N ALA A 619 6.60 2.52 -10.21
CA ALA A 619 6.88 1.29 -9.47
C ALA A 619 7.44 0.28 -10.46
N SER A 620 8.57 -0.33 -10.11
CA SER A 620 9.27 -1.28 -10.97
C SER A 620 9.81 -2.44 -10.14
N LYS A 621 9.78 -3.64 -10.73
CA LYS A 621 10.51 -4.77 -10.17
C LYS A 621 11.98 -4.64 -10.56
N VAL A 622 12.84 -4.49 -9.56
CA VAL A 622 14.26 -4.27 -9.79
C VAL A 622 15.03 -5.38 -9.06
N PRO A 623 15.75 -6.24 -9.77
CA PRO A 623 16.55 -7.25 -9.08
C PRO A 623 17.67 -6.60 -8.29
N ASP A 624 17.89 -7.10 -7.07
CA ASP A 624 18.93 -6.56 -6.23
C ASP A 624 20.24 -7.31 -6.51
N ILE A 625 21.27 -7.04 -5.71
CA ILE A 625 22.59 -7.61 -5.94
C ILE A 625 22.58 -9.14 -5.78
N HIS A 626 21.56 -9.68 -5.11
CA HIS A 626 21.39 -11.12 -4.99
C HIS A 626 20.40 -11.69 -5.99
N ASP A 627 20.02 -10.91 -7.02
CA ASP A 627 19.09 -11.32 -8.06
C ASP A 627 17.69 -11.62 -7.52
N VAL A 628 17.35 -11.02 -6.38
CA VAL A 628 15.99 -11.10 -5.85
C VAL A 628 15.18 -9.94 -6.43
N ALA A 629 14.05 -10.25 -7.05
CA ALA A 629 13.20 -9.22 -7.64
C ALA A 629 12.46 -8.49 -6.53
N LEU A 630 12.67 -7.18 -6.43
CA LEU A 630 12.02 -6.35 -5.42
C LEU A 630 11.13 -5.32 -6.10
N MET A 631 9.89 -5.18 -5.62
CA MET A 631 9.04 -4.08 -6.09
C MET A 631 9.52 -2.79 -5.45
N GLU A 632 10.07 -1.89 -6.25
CA GLU A 632 10.58 -0.62 -5.75
C GLU A 632 9.52 0.47 -5.90
N ASP A 633 9.41 1.36 -4.91
CA ASP A 633 8.76 2.65 -5.12
C ASP A 633 9.52 3.70 -4.31
N ARG A 634 8.95 4.90 -4.19
CA ARG A 634 9.68 6.01 -3.60
CA ARG A 634 9.68 6.02 -3.59
C ARG A 634 10.19 5.69 -2.19
N ALA A 635 9.43 4.89 -1.41
CA ALA A 635 9.83 4.63 -0.03
C ALA A 635 11.11 3.81 0.05
N THR A 636 11.23 2.79 -0.81
CA THR A 636 12.45 1.99 -0.80
C THR A 636 13.63 2.81 -1.32
N LEU A 637 13.37 3.70 -2.29
CA LEU A 637 14.38 4.65 -2.75
C LEU A 637 14.80 5.59 -1.65
N ARG A 638 13.85 6.07 -0.85
CA ARG A 638 14.17 6.97 0.26
CA ARG A 638 14.16 6.96 0.26
C ARG A 638 15.16 6.32 1.22
N ILE A 639 14.95 5.04 1.56
CA ILE A 639 15.89 4.32 2.42
C ILE A 639 17.28 4.27 1.78
N SER A 640 17.35 3.75 0.54
CA SER A 640 18.65 3.51 -0.08
C SER A 640 19.46 4.80 -0.22
N SER A 641 18.81 5.87 -0.69
CA SER A 641 19.53 7.13 -0.88
C SER A 641 19.91 7.77 0.46
N GLN A 642 19.05 7.66 1.47
CA GLN A 642 19.39 8.22 2.77
C GLN A 642 20.53 7.45 3.44
N LEU A 643 20.53 6.11 3.32
CA LEU A 643 21.60 5.32 3.91
C LEU A 643 22.95 5.69 3.31
N LEU A 644 23.03 5.76 1.98
CA LEU A 644 24.30 6.14 1.34
C LEU A 644 24.68 7.57 1.69
N ALA A 645 23.69 8.48 1.74
CA ALA A 645 23.97 9.84 2.17
C ALA A 645 24.55 9.86 3.59
N ASN A 646 24.01 9.00 4.48
CA ASN A 646 24.51 8.92 5.86
C ASN A 646 25.93 8.36 5.91
N TRP A 647 26.21 7.35 5.09
CA TRP A 647 27.54 6.73 5.08
C TRP A 647 28.57 7.70 4.51
N LEU A 648 28.18 8.48 3.49
CA LEU A 648 29.06 9.52 2.94
C LEU A 648 29.28 10.63 3.96
N ARG A 649 28.23 11.00 4.70
CA ARG A 649 28.32 12.08 5.69
CA ARG A 649 28.33 12.08 5.68
C ARG A 649 29.30 11.74 6.81
N HIS A 650 29.42 10.46 7.17
CA HIS A 650 30.23 10.12 8.33
C HIS A 650 31.50 9.36 7.98
N GLY A 651 31.88 9.31 6.71
CA GLY A 651 33.18 8.78 6.34
C GLY A 651 33.26 7.28 6.20
N VAL A 652 32.13 6.58 6.16
CA VAL A 652 32.18 5.14 5.91
C VAL A 652 32.64 4.87 4.49
N ILE A 653 32.25 5.74 3.54
CA ILE A 653 32.59 5.63 2.13
C ILE A 653 33.00 7.02 1.65
N THR A 654 33.71 7.06 0.53
CA THR A 654 34.14 8.32 -0.08
C THR A 654 33.27 8.65 -1.28
N SER A 655 33.43 9.89 -1.77
CA SER A 655 32.68 10.28 -2.96
C SER A 655 33.12 9.49 -4.18
N ALA A 656 34.38 9.03 -4.21
CA ALA A 656 34.83 8.15 -5.27
C ALA A 656 34.16 6.78 -5.19
N ASP A 657 33.97 6.26 -3.98
CA ASP A 657 33.26 4.98 -3.82
C ASP A 657 31.87 5.07 -4.44
N VAL A 658 31.13 6.14 -4.13
CA VAL A 658 29.76 6.29 -4.65
C VAL A 658 29.77 6.36 -6.17
N ARG A 659 30.63 7.23 -6.73
CA ARG A 659 30.63 7.41 -8.17
C ARG A 659 30.97 6.12 -8.90
N ALA A 660 31.99 5.40 -8.41
CA ALA A 660 32.40 4.17 -9.07
C ALA A 660 31.31 3.11 -8.99
N SER A 661 30.59 3.06 -7.87
CA SER A 661 29.50 2.10 -7.74
C SER A 661 28.39 2.42 -8.74
N LEU A 662 27.97 3.69 -8.82
CA LEU A 662 26.94 4.04 -9.79
C LEU A 662 27.39 3.72 -11.21
N GLU A 663 28.65 4.03 -11.54
CA GLU A 663 29.10 3.77 -12.91
C GLU A 663 29.23 2.28 -13.18
N ARG A 664 29.49 1.50 -12.14
CA ARG A 664 29.59 0.04 -12.27
C ARG A 664 28.21 -0.60 -12.40
N MET A 665 27.22 -0.10 -11.66
CA MET A 665 25.91 -0.75 -11.69
C MET A 665 25.06 -0.27 -12.86
N ALA A 666 25.27 0.96 -13.33
CA ALA A 666 24.48 1.50 -14.43
C ALA A 666 24.44 0.60 -15.67
N PRO A 667 25.55 0.04 -16.17
CA PRO A 667 25.44 -0.82 -17.37
C PRO A 667 24.71 -2.11 -17.09
N LEU A 668 24.78 -2.61 -15.86
CA LEU A 668 23.99 -3.78 -15.50
C LEU A 668 22.50 -3.48 -15.56
N VAL A 669 22.11 -2.28 -15.08
CA VAL A 669 20.72 -1.87 -15.21
C VAL A 669 20.34 -1.68 -16.67
N ASP A 670 21.25 -1.10 -17.48
CA ASP A 670 21.00 -0.99 -18.91
C ASP A 670 20.73 -2.37 -19.52
N ARG A 671 21.51 -3.37 -19.11
CA ARG A 671 21.35 -4.71 -19.66
C ARG A 671 20.00 -5.30 -19.29
N GLN A 672 19.55 -5.08 -18.05
CA GLN A 672 18.27 -5.61 -17.61
C GLN A 672 17.09 -4.97 -18.34
N ASN A 673 17.29 -3.81 -18.95
CA ASN A 673 16.24 -3.08 -19.65
C ASN A 673 16.40 -3.12 -21.16
N ALA A 674 17.27 -3.97 -21.69
CA ALA A 674 17.70 -3.88 -23.08
C ALA A 674 16.57 -4.13 -24.08
N GLY A 675 15.45 -4.69 -23.65
CA GLY A 675 14.39 -5.06 -24.57
C GLY A 675 13.27 -4.06 -24.76
N ASP A 676 13.37 -2.86 -24.20
CA ASP A 676 12.29 -1.88 -24.25
C ASP A 676 12.69 -0.75 -25.19
N VAL A 677 11.94 -0.61 -26.30
CA VAL A 677 12.28 0.40 -27.29
C VAL A 677 12.24 1.80 -26.70
N ALA A 678 11.56 1.98 -25.57
CA ALA A 678 11.50 3.27 -24.90
C ALA A 678 12.62 3.47 -23.88
N TYR A 679 13.57 2.54 -23.78
CA TYR A 679 14.66 2.66 -22.83
C TYR A 679 15.86 3.34 -23.47
N ARG A 680 16.51 4.21 -22.70
CA ARG A 680 17.71 4.92 -23.14
C ARG A 680 18.88 4.59 -22.22
N PRO A 681 19.92 3.92 -22.71
CA PRO A 681 21.00 3.48 -21.82
C PRO A 681 21.72 4.64 -21.15
N MET A 682 22.10 4.43 -19.88
CA MET A 682 22.78 5.46 -19.10
C MET A 682 24.27 5.49 -19.42
N ALA A 683 24.90 4.31 -19.57
CA ALA A 683 26.31 4.17 -19.90
C ALA A 683 26.52 4.10 -21.41
N PRO A 684 27.68 4.55 -21.92
CA PRO A 684 28.84 5.06 -21.17
C PRO A 684 28.80 6.55 -20.86
N ASN A 685 27.87 7.28 -21.46
CA ASN A 685 27.85 8.74 -21.40
C ASN A 685 26.97 9.18 -20.25
N PHE A 686 27.49 8.98 -19.04
CA PHE A 686 26.69 9.17 -17.82
C PHE A 686 26.15 10.58 -17.70
N ASP A 687 27.01 11.58 -17.95
CA ASP A 687 26.56 12.95 -17.73
C ASP A 687 25.59 13.44 -18.79
N ASP A 688 25.30 12.64 -19.82
CA ASP A 688 24.24 12.97 -20.77
C ASP A 688 22.90 12.35 -20.39
N SER A 689 22.87 11.52 -19.36
CA SER A 689 21.64 10.84 -18.94
C SER A 689 21.05 11.61 -17.76
N ILE A 690 19.88 12.23 -17.99
CA ILE A 690 19.17 12.89 -16.91
C ILE A 690 18.84 11.88 -15.81
N ALA A 691 18.55 10.64 -16.19
CA ALA A 691 18.22 9.60 -15.22
C ALA A 691 19.41 9.29 -14.32
N PHE A 692 20.60 9.12 -14.92
CA PHE A 692 21.79 8.84 -14.12
C PHE A 692 22.10 10.01 -13.19
N LEU A 693 21.99 11.24 -13.69
CA LEU A 693 22.25 12.40 -12.84
C LEU A 693 21.23 12.51 -11.71
N ALA A 694 19.98 12.11 -11.96
CA ALA A 694 18.97 12.11 -10.90
C ALA A 694 19.37 11.17 -9.78
N ALA A 695 19.82 9.97 -10.15
CA ALA A 695 20.24 9.00 -9.15
C ALA A 695 21.44 9.51 -8.36
N GLN A 696 22.40 10.12 -9.05
CA GLN A 696 23.55 10.68 -8.35
C GLN A 696 23.11 11.78 -7.40
N GLU A 697 22.19 12.64 -7.85
CA GLU A 697 21.72 13.77 -7.04
C GLU A 697 20.99 13.27 -5.80
N LEU A 698 20.23 12.17 -5.93
CA LEU A 698 19.51 11.64 -4.78
C LEU A 698 20.46 11.22 -3.66
N ILE A 699 21.66 10.78 -4.01
CA ILE A 699 22.65 10.41 -2.99
C ILE A 699 23.42 11.64 -2.51
N LEU A 700 24.04 12.37 -3.44
CA LEU A 700 24.95 13.44 -3.05
C LEU A 700 24.24 14.64 -2.44
N SER A 701 22.96 14.83 -2.76
CA SER A 701 22.15 15.87 -2.16
C SER A 701 21.15 15.32 -1.16
N GLY A 702 21.20 14.01 -0.85
CA GLY A 702 20.19 13.41 0.02
C GLY A 702 20.13 14.03 1.40
N ALA A 703 21.29 14.35 1.99
CA ALA A 703 21.26 14.92 3.33
C ALA A 703 20.55 16.27 3.36
N GLN A 704 20.44 16.93 2.21
CA GLN A 704 19.86 18.26 2.10
C GLN A 704 18.39 18.25 1.73
N GLN A 705 17.81 17.09 1.39
CA GLN A 705 16.41 17.06 1.03
C GLN A 705 15.53 17.12 2.28
N PRO A 706 14.37 17.77 2.21
CA PRO A 706 13.52 17.91 3.40
C PRO A 706 13.05 16.55 3.87
N ASN A 707 13.44 16.19 5.10
CA ASN A 707 13.11 14.91 5.71
C ASN A 707 13.53 13.75 4.81
N GLY A 708 14.53 13.98 3.96
CA GLY A 708 15.01 12.96 3.06
C GLY A 708 14.09 12.58 1.91
N TYR A 709 13.11 13.41 1.60
CA TYR A 709 12.13 13.08 0.55
C TYR A 709 12.77 13.09 -0.83
N THR A 710 12.32 12.17 -1.68
CA THR A 710 12.84 11.97 -3.02
C THR A 710 12.05 12.72 -4.10
N GLU A 711 10.82 13.15 -3.80
CA GLU A 711 10.01 13.80 -4.84
C GLU A 711 10.65 15.07 -5.40
N PRO A 712 11.23 15.99 -4.62
CA PRO A 712 11.75 17.23 -5.24
C PRO A 712 12.71 16.96 -6.38
N ILE A 713 13.66 16.05 -6.18
CA ILE A 713 14.61 15.72 -7.23
C ILE A 713 13.93 14.95 -8.36
N LEU A 714 13.13 13.93 -8.02
CA LEU A 714 12.50 13.12 -9.06
C LEU A 714 11.59 13.95 -9.95
N HIS A 715 10.79 14.83 -9.35
CA HIS A 715 9.85 15.63 -10.13
C HIS A 715 10.59 16.60 -11.04
N ARG A 716 11.66 17.23 -10.52
CA ARG A 716 12.44 18.16 -11.33
C ARG A 716 13.12 17.45 -12.50
N ARG A 717 13.68 16.26 -12.24
CA ARG A 717 14.41 15.53 -13.28
C ARG A 717 13.48 14.93 -14.31
N ARG A 718 12.28 14.47 -13.89
CA ARG A 718 11.31 13.97 -14.85
C ARG A 718 10.80 15.10 -15.75
N ARG A 719 10.55 16.28 -15.19
CA ARG A 719 10.12 17.41 -16.00
CA ARG A 719 10.11 17.42 -15.99
C ARG A 719 11.22 17.84 -16.96
N GLU A 720 12.47 17.80 -16.50
CA GLU A 720 13.60 18.11 -17.38
C GLU A 720 13.67 17.13 -18.53
N PHE A 721 13.48 15.83 -18.25
CA PHE A 721 13.48 14.83 -19.32
C PHE A 721 12.35 15.08 -20.31
N LYS A 722 11.15 15.39 -19.82
CA LYS A 722 10.03 15.64 -20.72
C LYS A 722 10.31 16.83 -21.62
N ALA A 723 10.95 17.87 -21.09
CA ALA A 723 11.26 19.03 -21.91
C ALA A 723 12.28 18.66 -23.00
N ARG A 724 13.31 17.89 -22.65
CA ARG A 724 14.31 17.51 -23.63
C ARG A 724 13.71 16.63 -24.72
N ALA A 725 12.81 15.73 -24.35
CA ALA A 725 12.17 14.86 -25.34
C ALA A 725 11.22 15.62 -26.25
N ALA A 726 10.79 16.82 -25.86
CA ALA A 726 9.86 17.61 -26.65
C ALA A 726 10.53 18.64 -27.54
N GLU A 727 11.86 18.77 -27.47
CA GLU A 727 12.57 19.81 -28.23
C GLU A 727 13.36 19.21 -29.39
MG MG B . 4.97 5.21 2.63
MG MG C . 17.97 19.72 6.39
MG MG D . -10.92 -20.40 13.94
C10 GXG E . 6.69 0.04 -1.24
C13 GXG E . 6.27 -1.49 -3.03
C15 GXG E . 4.48 -0.17 -2.16
C02 GXG E . 5.81 2.49 3.21
C04 GXG E . 4.82 2.39 2.09
C06 GXG E . 4.90 1.21 1.17
C07 GXG E . 4.83 1.48 -0.31
C09 GXG E . 5.34 0.41 -1.24
C12 GXG E . 7.13 -0.91 -2.13
C14 GXG E . 4.93 -1.12 -3.05
F11 GXG E . 7.54 0.59 -0.36
F16 GXG E . 3.18 0.19 -2.17
O01 GXG E . 6.28 1.48 3.84
O03 GXG E . 6.17 3.67 3.51
O05 GXG E . 3.98 3.27 1.96
O08 GXG E . 4.40 2.56 -0.77
#